data_5YIF
#
_entry.id   5YIF
#
_cell.length_a   114.780
_cell.length_b   114.780
_cell.length_c   150.434
_cell.angle_alpha   90.00
_cell.angle_beta   90.00
_cell.angle_gamma   120.00
#
_symmetry.space_group_name_H-M   'P 32 2 1'
#
loop_
_entity.id
_entity.type
_entity.pdbx_description
1 polymer 'Pyruvylated beta-D-galactosidase'
2 non-polymer '(2R,4aR,6R,7R,8R,8aR)-2-methyl-6,7,8-tris(oxidanyl)-4,4a,6,7,8,8a-hexahydropyrano[3,2-d][1,3]dioxine-2-carboxylic acid'
3 water water
#
_entity_poly.entity_id   1
_entity_poly.type   'polypeptide(L)'
_entity_poly.pdbx_seq_one_letter_code
;MKFPHDFLFGAASASYQVEGAWNEDGKGVTNWDEFSKIPGKTYNGTNGDIAVDHYHRYKEDVRLMAEMGLESYRFSISWA
RILPTGDGKVNEKGIEFYNNLIDECLKYGIVPFVTLYHWDLPLPLEKDGGWTNKRTAEAFVKYAETCFKAFGDRVKHWIT
FNATVMFCGLGYLKGAHPPGIQNDVPKYFQATHYVFYAHAKTVAVYKQLKQYGEIGITHVFLPAYSVDDQKENIQAANHA
NEYETYWYYDPILKGEYPSYVVQQLKEKGWTPNWTVEELEIIKQNAEENDFIGLNYYQPIRVERYDMDIKSEEHSRENST
LAPGNPSFDGFYRTVKMDDKTYTKWGWEISPEGFLEGLHMLKARYGDIKMYVTENGLGDEDPIIDGEIVDVPRIKFIEAH
LKVMKRAIEEGINLKGYYAWSVIDLLSWLNGYKKQYGFIFVDHNDNLKRKKKLSFHWYKRVVETRGEELHHHHHH
;
_entity_poly.pdbx_strand_id   A,B
#
# COMPACT_ATOMS: atom_id res chain seq x y z
N MET A 1 20.71 -45.51 -10.87
CA MET A 1 20.35 -44.76 -9.69
C MET A 1 20.67 -43.26 -9.76
N LYS A 2 20.54 -42.60 -10.90
CA LYS A 2 20.90 -41.18 -11.01
C LYS A 2 20.15 -40.08 -10.21
N PHE A 3 18.83 -40.10 -10.15
CA PHE A 3 18.08 -39.11 -9.36
C PHE A 3 18.39 -39.42 -7.92
N PRO A 4 18.67 -38.44 -7.10
CA PRO A 4 19.06 -38.81 -5.75
C PRO A 4 17.89 -39.30 -4.88
N HIS A 5 18.27 -39.96 -3.78
CA HIS A 5 17.31 -40.48 -2.77
C HIS A 5 16.60 -39.40 -1.97
N ASP A 6 17.02 -38.21 -2.30
CA ASP A 6 16.59 -36.94 -1.84
C ASP A 6 15.37 -36.44 -2.58
N PHE A 7 15.08 -37.12 -3.69
CA PHE A 7 14.11 -36.68 -4.70
C PHE A 7 13.01 -37.71 -4.63
N LEU A 8 11.75 -37.26 -4.54
CA LEU A 8 10.59 -38.17 -4.48
C LEU A 8 9.99 -38.28 -5.87
N PHE A 9 9.79 -39.52 -6.32
CA PHE A 9 8.95 -39.84 -7.49
C PHE A 9 7.55 -40.08 -6.93
N GLY A 10 6.61 -39.29 -7.41
CA GLY A 10 5.23 -39.44 -7.01
C GLY A 10 4.21 -39.37 -8.11
N ALA A 11 2.98 -39.33 -7.66
CA ALA A 11 1.81 -39.16 -8.49
C ALA A 11 0.71 -38.51 -7.64
N ALA A 12 -0.21 -37.83 -8.30
CA ALA A 12 -1.12 -36.87 -7.67
C ALA A 12 -2.61 -37.12 -7.96
N SER A 13 -3.44 -36.57 -7.08
CA SER A 13 -4.89 -36.54 -7.15
C SER A 13 -5.45 -35.26 -6.51
N ALA A 14 -6.70 -34.94 -6.77
CA ALA A 14 -7.36 -33.81 -6.16
C ALA A 14 -8.68 -34.33 -5.61
N SER A 15 -9.12 -33.84 -4.48
CA SER A 15 -10.30 -34.38 -3.83
C SER A 15 -11.63 -34.34 -4.57
N TYR A 16 -11.98 -33.24 -5.19
CA TYR A 16 -13.22 -33.17 -5.92
C TYR A 16 -13.21 -34.13 -7.07
N GLN A 17 -12.11 -34.16 -7.77
CA GLN A 17 -11.90 -35.01 -8.90
C GLN A 17 -11.88 -36.52 -8.64
N VAL A 18 -11.43 -36.92 -7.48
CA VAL A 18 -11.25 -38.30 -7.18
C VAL A 18 -12.12 -38.98 -6.14
N GLU A 19 -12.53 -38.27 -5.11
CA GLU A 19 -13.27 -38.84 -4.02
C GLU A 19 -14.67 -39.38 -4.13
N GLY A 20 -15.52 -38.63 -4.79
CA GLY A 20 -16.95 -38.85 -4.70
C GLY A 20 -17.40 -38.59 -3.27
N ALA A 21 -18.32 -39.43 -2.81
CA ALA A 21 -18.97 -39.33 -1.46
C ALA A 21 -19.29 -37.87 -1.03
N TRP A 22 -19.84 -37.13 -1.99
CA TRP A 22 -20.06 -35.68 -1.90
C TRP A 22 -20.98 -35.27 -0.75
N ASN A 23 -21.89 -36.18 -0.35
CA ASN A 23 -22.86 -35.96 0.73
C ASN A 23 -22.66 -36.83 1.97
N GLU A 24 -21.58 -37.61 2.03
CA GLU A 24 -21.40 -38.57 3.16
C GLU A 24 -20.66 -38.04 4.40
N ASP A 25 -20.85 -38.78 5.51
CA ASP A 25 -20.12 -38.60 6.77
C ASP A 25 -19.88 -37.15 7.18
N GLY A 26 -20.93 -36.34 7.05
CA GLY A 26 -20.95 -34.97 7.57
C GLY A 26 -20.40 -33.89 6.66
N LYS A 27 -20.06 -34.25 5.41
CA LYS A 27 -19.47 -33.29 4.46
C LYS A 27 -20.44 -32.19 4.00
N GLY A 28 -19.99 -30.96 4.09
CA GLY A 28 -20.73 -29.82 3.63
C GLY A 28 -20.67 -29.73 2.12
N VAL A 29 -21.69 -29.07 1.56
CA VAL A 29 -21.74 -28.77 0.15
C VAL A 29 -20.64 -27.74 -0.23
N THR A 30 -20.03 -27.95 -1.39
CA THR A 30 -19.03 -27.01 -1.88
C THR A 30 -19.55 -26.30 -3.08
N ASN A 31 -18.78 -25.35 -3.53
CA ASN A 31 -19.11 -24.66 -4.73
C ASN A 31 -19.13 -25.54 -5.97
N TRP A 32 -18.32 -26.60 -6.02
CA TRP A 32 -18.20 -27.40 -7.25
C TRP A 32 -19.37 -28.39 -7.29
N ASP A 33 -19.82 -28.81 -6.11
CA ASP A 33 -21.08 -29.51 -5.96
C ASP A 33 -22.30 -28.77 -6.53
N GLU A 34 -22.40 -27.46 -6.34
CA GLU A 34 -23.50 -26.64 -6.89
C GLU A 34 -23.21 -26.28 -8.38
N PHE A 35 -22.04 -25.71 -8.63
CA PHE A 35 -21.60 -25.32 -9.99
C PHE A 35 -21.66 -26.40 -11.09
N SER A 36 -21.38 -27.65 -10.72
CA SER A 36 -21.39 -28.77 -11.67
C SER A 36 -22.77 -29.18 -12.20
N LYS A 37 -23.83 -28.70 -11.57
CA LYS A 37 -25.21 -29.02 -11.99
C LYS A 37 -25.85 -27.89 -12.79
N ILE A 38 -25.13 -26.79 -13.01
CA ILE A 38 -25.56 -25.77 -13.95
C ILE A 38 -25.26 -26.30 -15.34
N PRO A 39 -26.31 -26.56 -16.17
CA PRO A 39 -26.07 -26.97 -17.57
C PRO A 39 -25.12 -26.03 -18.31
N GLY A 40 -24.22 -26.60 -19.11
CA GLY A 40 -23.19 -25.85 -19.87
C GLY A 40 -21.80 -25.69 -19.24
N LYS A 41 -21.68 -26.01 -17.95
CA LYS A 41 -20.48 -25.72 -17.19
C LYS A 41 -19.49 -26.89 -17.21
N THR A 42 -19.98 -28.12 -17.02
CA THR A 42 -19.11 -29.29 -17.06
C THR A 42 -19.40 -30.11 -18.32
N TYR A 43 -18.38 -30.76 -18.86
CA TYR A 43 -18.56 -31.61 -20.05
C TYR A 43 -19.61 -32.71 -19.91
N ASN A 44 -20.61 -32.71 -20.78
CA ASN A 44 -21.70 -33.71 -20.72
C ASN A 44 -22.41 -33.82 -19.34
N GLY A 45 -22.41 -32.72 -18.60
CA GLY A 45 -23.01 -32.70 -17.28
C GLY A 45 -22.30 -33.56 -16.27
N THR A 46 -20.99 -33.69 -16.46
CA THR A 46 -20.15 -34.54 -15.60
C THR A 46 -19.95 -33.95 -14.18
N ASN A 47 -19.92 -34.88 -13.23
CA ASN A 47 -20.03 -34.63 -11.80
C ASN A 47 -18.93 -35.24 -10.97
N GLY A 48 -18.76 -34.66 -9.78
CA GLY A 48 -18.00 -35.26 -8.73
C GLY A 48 -18.78 -35.95 -7.63
N ASP A 49 -20.05 -36.18 -7.85
CA ASP A 49 -20.88 -36.77 -6.83
C ASP A 49 -20.34 -38.11 -6.45
N ILE A 50 -19.97 -38.88 -7.45
CA ILE A 50 -19.36 -40.16 -7.23
C ILE A 50 -17.91 -40.15 -7.62
N ALA A 51 -17.59 -39.35 -8.64
CA ALA A 51 -16.27 -39.22 -9.18
C ALA A 51 -15.76 -40.59 -9.53
N VAL A 52 -14.60 -40.94 -9.04
CA VAL A 52 -14.03 -42.22 -9.28
C VAL A 52 -14.13 -43.14 -8.07
N ASP A 53 -14.79 -42.64 -7.03
CA ASP A 53 -15.14 -43.35 -5.77
C ASP A 53 -13.92 -43.75 -4.91
N HIS A 54 -12.95 -42.84 -4.80
CA HIS A 54 -11.69 -43.08 -4.11
C HIS A 54 -11.90 -43.09 -2.62
N TYR A 55 -12.97 -42.43 -2.19
CA TYR A 55 -13.33 -42.32 -0.78
C TYR A 55 -13.62 -43.68 -0.20
N HIS A 56 -14.29 -44.53 -0.97
CA HIS A 56 -14.63 -45.87 -0.49
C HIS A 56 -13.59 -46.95 -0.83
N ARG A 57 -12.63 -46.64 -1.67
CA ARG A 57 -11.63 -47.63 -2.09
C ARG A 57 -10.23 -47.07 -1.96
N TYR A 58 -10.05 -46.22 -0.97
CA TYR A 58 -8.74 -45.61 -0.72
C TYR A 58 -7.68 -46.71 -0.37
N LYS A 59 -8.06 -47.70 0.43
CA LYS A 59 -7.18 -48.82 0.74
C LYS A 59 -6.68 -49.55 -0.52
N GLU A 60 -7.57 -49.75 -1.46
CA GLU A 60 -7.25 -50.45 -2.71
C GLU A 60 -6.28 -49.59 -3.53
N ASP A 61 -6.59 -48.31 -3.63
CA ASP A 61 -5.83 -47.43 -4.47
C ASP A 61 -4.46 -47.21 -3.91
N VAL A 62 -4.33 -47.20 -2.59
CA VAL A 62 -3.03 -47.06 -1.93
C VAL A 62 -2.20 -48.34 -2.08
N ARG A 63 -2.84 -49.50 -1.94
CA ARG A 63 -2.19 -50.79 -2.23
C ARG A 63 -1.56 -50.80 -3.64
N LEU A 64 -2.28 -50.25 -4.60
CA LEU A 64 -1.85 -50.15 -5.96
C LEU A 64 -0.67 -49.23 -6.13
N MET A 65 -0.70 -48.09 -5.49
CA MET A 65 0.41 -47.14 -5.50
C MET A 65 1.72 -47.79 -4.93
N ALA A 66 1.54 -48.59 -3.89
CA ALA A 66 2.61 -49.33 -3.26
C ALA A 66 3.12 -50.39 -4.23
N GLU A 67 2.22 -51.10 -4.89
CA GLU A 67 2.60 -52.06 -5.94
C GLU A 67 3.38 -51.39 -7.11
N MET A 68 3.10 -50.11 -7.33
CA MET A 68 3.80 -49.32 -8.33
C MET A 68 5.16 -48.78 -7.89
N GLY A 69 5.56 -49.11 -6.66
CA GLY A 69 6.72 -48.51 -6.01
C GLY A 69 6.64 -47.01 -5.81
N LEU A 70 5.43 -46.45 -5.68
CA LEU A 70 5.31 -45.00 -5.49
C LEU A 70 5.98 -44.57 -4.20
N GLU A 71 6.69 -43.44 -4.25
CA GLU A 71 7.40 -42.91 -3.07
C GLU A 71 6.66 -41.84 -2.35
N SER A 72 5.83 -41.13 -3.09
CA SER A 72 5.05 -40.05 -2.51
C SER A 72 3.74 -39.91 -3.24
N TYR A 73 2.68 -39.72 -2.45
CA TYR A 73 1.37 -39.45 -2.95
C TYR A 73 0.94 -38.06 -2.54
N ARG A 74 0.59 -37.28 -3.55
CA ARG A 74 0.06 -35.97 -3.36
C ARG A 74 -1.43 -35.98 -3.57
N PHE A 75 -2.15 -35.70 -2.50
CA PHE A 75 -3.60 -35.54 -2.54
C PHE A 75 -4.03 -34.23 -1.90
N SER A 76 -5.30 -33.89 -2.07
CA SER A 76 -5.88 -32.74 -1.40
C SER A 76 -6.86 -33.17 -0.28
N ILE A 77 -6.87 -32.36 0.79
CA ILE A 77 -7.91 -32.40 1.81
C ILE A 77 -9.08 -31.54 1.30
N SER A 78 -10.29 -32.09 1.47
CA SER A 78 -11.57 -31.41 1.20
C SER A 78 -11.91 -30.61 2.45
N TRP A 79 -11.78 -29.30 2.38
CA TRP A 79 -12.10 -28.38 3.46
C TRP A 79 -13.50 -28.64 4.05
N ALA A 80 -14.46 -28.90 3.16
CA ALA A 80 -15.81 -29.22 3.56
C ALA A 80 -15.94 -30.56 4.29
N ARG A 81 -14.91 -31.39 4.29
CA ARG A 81 -14.90 -32.58 5.16
C ARG A 81 -14.47 -32.29 6.59
N ILE A 82 -13.58 -31.33 6.74
CA ILE A 82 -13.00 -31.01 8.04
C ILE A 82 -13.90 -30.02 8.77
N LEU A 83 -14.17 -28.91 8.07
CA LEU A 83 -15.03 -27.82 8.51
C LEU A 83 -16.10 -27.62 7.44
N PRO A 84 -17.27 -28.29 7.61
CA PRO A 84 -18.37 -28.31 6.64
C PRO A 84 -18.83 -26.96 6.14
N THR A 85 -19.01 -26.01 7.05
CA THR A 85 -19.41 -24.67 6.65
C THR A 85 -18.23 -23.70 6.49
N GLY A 86 -17.02 -24.22 6.36
CA GLY A 86 -15.80 -23.40 6.19
C GLY A 86 -15.12 -22.99 7.49
N ASP A 87 -15.95 -22.60 8.46
CA ASP A 87 -15.55 -22.37 9.85
C ASP A 87 -16.48 -23.21 10.78
N GLY A 88 -16.50 -22.86 12.05
CA GLY A 88 -17.40 -23.50 12.96
C GLY A 88 -16.87 -24.86 13.31
N LYS A 89 -17.77 -25.76 13.66
CA LYS A 89 -17.44 -27.06 14.25
C LYS A 89 -16.60 -27.91 13.27
N VAL A 90 -15.73 -28.73 13.84
CA VAL A 90 -14.89 -29.63 13.11
C VAL A 90 -15.65 -30.93 12.95
N ASN A 91 -15.69 -31.47 11.75
CA ASN A 91 -16.32 -32.76 11.53
C ASN A 91 -15.33 -33.90 11.76
N GLU A 92 -15.45 -34.57 12.90
CA GLU A 92 -14.55 -35.67 13.29
C GLU A 92 -14.50 -36.82 12.28
N LYS A 93 -15.63 -37.11 11.66
CA LYS A 93 -15.68 -38.16 10.65
C LYS A 93 -14.75 -37.83 9.43
N GLY A 94 -14.61 -36.56 9.09
CA GLY A 94 -13.70 -36.16 8.03
C GLY A 94 -12.22 -36.31 8.43
N ILE A 95 -11.90 -35.92 9.66
CA ILE A 95 -10.58 -36.14 10.21
C ILE A 95 -10.17 -37.64 10.27
N GLU A 96 -11.13 -38.51 10.54
CA GLU A 96 -10.89 -39.93 10.58
C GLU A 96 -10.43 -40.41 9.20
N PHE A 97 -11.10 -39.90 8.18
CA PHE A 97 -10.92 -40.40 6.85
C PHE A 97 -9.51 -40.06 6.33
N TYR A 98 -9.08 -38.83 6.55
CA TYR A 98 -7.78 -38.38 6.12
C TYR A 98 -6.67 -38.98 6.95
N ASN A 99 -6.96 -39.33 8.19
CA ASN A 99 -6.03 -39.99 9.05
C ASN A 99 -5.82 -41.41 8.56
N ASN A 100 -6.85 -42.02 8.02
CA ASN A 100 -6.77 -43.35 7.52
C ASN A 100 -6.02 -43.39 6.20
N LEU A 101 -6.18 -42.39 5.38
CA LEU A 101 -5.51 -42.26 4.10
C LEU A 101 -4.00 -42.08 4.32
N ILE A 102 -3.70 -41.13 5.19
CA ILE A 102 -2.33 -40.84 5.61
C ILE A 102 -1.68 -42.12 6.17
N ASP A 103 -2.34 -42.74 7.15
CA ASP A 103 -1.82 -43.95 7.81
C ASP A 103 -1.59 -45.12 6.82
N GLU A 104 -2.44 -45.26 5.80
CA GLU A 104 -2.26 -46.30 4.82
C GLU A 104 -1.09 -46.04 3.91
N CYS A 105 -0.89 -44.80 3.50
CA CYS A 105 0.28 -44.45 2.71
C CYS A 105 1.51 -44.79 3.51
N LEU A 106 1.51 -44.40 4.76
CA LEU A 106 2.62 -44.61 5.64
C LEU A 106 2.95 -46.08 5.87
N LYS A 107 1.96 -46.94 5.91
CA LYS A 107 2.18 -48.40 6.02
C LYS A 107 3.24 -48.81 5.03
N TYR A 108 3.04 -48.43 3.78
CA TYR A 108 3.94 -48.77 2.68
C TYR A 108 5.13 -47.83 2.46
N GLY A 109 5.45 -46.99 3.44
CA GLY A 109 6.45 -45.93 3.30
C GLY A 109 6.19 -44.80 2.30
N ILE A 110 4.96 -44.64 1.82
CA ILE A 110 4.63 -43.63 0.80
C ILE A 110 4.43 -42.32 1.55
N VAL A 111 5.14 -41.30 1.09
CA VAL A 111 5.14 -39.98 1.74
C VAL A 111 3.95 -39.11 1.31
N PRO A 112 3.07 -38.74 2.27
CA PRO A 112 2.04 -37.80 1.90
C PRO A 112 2.59 -36.44 1.60
N PHE A 113 2.12 -35.81 0.53
CA PHE A 113 2.39 -34.40 0.23
C PHE A 113 0.94 -33.93 0.12
N VAL A 114 0.51 -33.01 0.97
CA VAL A 114 -0.91 -32.67 1.11
C VAL A 114 -1.24 -31.26 0.70
N THR A 115 -2.13 -31.14 -0.29
CA THR A 115 -2.69 -29.86 -0.70
C THR A 115 -3.92 -29.56 0.16
N LEU A 116 -3.94 -28.40 0.79
CA LEU A 116 -5.08 -27.98 1.60
C LEU A 116 -6.26 -27.45 0.73
N TYR A 117 -5.93 -26.75 -0.35
CA TYR A 117 -6.94 -26.11 -1.17
C TYR A 117 -6.66 -26.38 -2.64
N HIS A 118 -7.42 -27.36 -3.17
CA HIS A 118 -7.45 -27.71 -4.60
C HIS A 118 -8.82 -27.36 -5.20
N TRP A 119 -9.23 -26.11 -5.00
CA TRP A 119 -10.40 -25.46 -5.67
C TRP A 119 -11.82 -25.68 -5.05
N ASP A 120 -11.97 -26.62 -4.12
CA ASP A 120 -13.27 -27.06 -3.59
C ASP A 120 -13.58 -26.31 -2.28
N LEU A 121 -14.10 -25.09 -2.46
CA LEU A 121 -14.52 -24.17 -1.41
C LEU A 121 -15.88 -24.52 -0.78
N PRO A 122 -15.94 -24.66 0.56
CA PRO A 122 -17.27 -24.80 1.20
C PRO A 122 -18.24 -23.66 0.80
N LEU A 123 -19.51 -24.02 0.57
CA LEU A 123 -20.46 -23.16 -0.13
C LEU A 123 -20.74 -21.80 0.53
N PRO A 124 -20.89 -21.78 1.87
CA PRO A 124 -21.13 -20.45 2.50
C PRO A 124 -20.03 -19.44 2.17
N LEU A 125 -18.79 -19.94 2.06
CA LEU A 125 -17.65 -19.09 1.80
C LEU A 125 -17.72 -18.57 0.37
N GLU A 126 -18.24 -19.35 -0.56
CA GLU A 126 -18.57 -18.77 -1.88
C GLU A 126 -19.55 -17.59 -1.78
N LYS A 127 -20.66 -17.84 -1.12
CA LYS A 127 -21.69 -16.82 -0.83
C LYS A 127 -21.20 -15.60 -0.06
N ASP A 128 -20.20 -15.76 0.81
CA ASP A 128 -19.53 -14.60 1.37
C ASP A 128 -18.73 -13.73 0.36
N GLY A 129 -18.56 -14.18 -0.89
CA GLY A 129 -17.66 -13.47 -1.84
C GLY A 129 -16.34 -14.20 -2.13
N GLY A 130 -16.21 -15.40 -1.53
CA GLY A 130 -15.12 -16.29 -1.81
C GLY A 130 -13.82 -15.60 -1.48
N TRP A 131 -12.88 -15.72 -2.41
CA TRP A 131 -11.57 -15.12 -2.26
C TRP A 131 -11.55 -13.59 -2.46
N THR A 132 -12.70 -12.98 -2.68
CA THR A 132 -12.72 -11.52 -2.76
C THR A 132 -12.99 -10.86 -1.40
N ASN A 133 -13.18 -11.68 -0.38
CA ASN A 133 -13.47 -11.29 0.97
C ASN A 133 -12.37 -11.79 1.87
N LYS A 134 -11.72 -10.91 2.60
CA LYS A 134 -10.66 -11.27 3.51
C LYS A 134 -11.08 -12.38 4.46
N ARG A 135 -12.33 -12.39 4.87
CA ARG A 135 -12.91 -13.46 5.74
C ARG A 135 -12.57 -14.92 5.35
N THR A 136 -12.61 -15.19 4.05
CA THR A 136 -12.27 -16.51 3.48
C THR A 136 -10.78 -16.85 3.74
N ALA A 137 -9.91 -15.83 3.62
CA ALA A 137 -8.50 -15.97 3.96
C ALA A 137 -8.32 -16.30 5.43
N GLU A 138 -9.03 -15.59 6.31
CA GLU A 138 -8.95 -15.91 7.77
C GLU A 138 -9.50 -17.29 8.06
N ALA A 139 -10.58 -17.67 7.39
CA ALA A 139 -11.17 -19.01 7.49
C ALA A 139 -10.17 -20.08 7.07
N PHE A 140 -9.57 -19.88 5.91
CA PHE A 140 -8.50 -20.76 5.43
C PHE A 140 -7.35 -20.95 6.44
N VAL A 141 -6.92 -19.90 7.08
CA VAL A 141 -5.87 -20.05 8.06
C VAL A 141 -6.29 -20.95 9.20
N LYS A 142 -7.52 -20.85 9.64
CA LYS A 142 -8.05 -21.67 10.71
C LYS A 142 -8.15 -23.11 10.33
N TYR A 143 -8.63 -23.35 9.14
CA TYR A 143 -8.72 -24.71 8.55
C TYR A 143 -7.32 -25.35 8.48
N ALA A 144 -6.35 -24.58 8.01
CA ALA A 144 -5.02 -25.10 7.82
C ALA A 144 -4.45 -25.51 9.16
N GLU A 145 -4.59 -24.62 10.12
CA GLU A 145 -4.22 -24.87 11.50
C GLU A 145 -4.92 -26.09 12.06
N THR A 146 -6.18 -26.29 11.70
CA THR A 146 -6.86 -27.51 12.09
C THR A 146 -6.17 -28.74 11.52
N CYS A 147 -5.90 -28.73 10.23
CA CYS A 147 -5.21 -29.85 9.58
C CYS A 147 -3.80 -30.09 10.16
N PHE A 148 -3.07 -28.99 10.39
CA PHE A 148 -1.76 -29.09 11.02
C PHE A 148 -1.82 -29.80 12.38
N LYS A 149 -2.76 -29.38 13.25
CA LYS A 149 -2.90 -29.99 14.59
C LYS A 149 -3.33 -31.43 14.55
N ALA A 150 -4.19 -31.76 13.60
CA ALA A 150 -4.72 -33.12 13.44
C ALA A 150 -3.80 -34.16 12.74
N PHE A 151 -3.02 -33.68 11.76
CA PHE A 151 -2.33 -34.53 10.80
C PHE A 151 -0.83 -34.33 10.71
N GLY A 152 -0.32 -33.27 11.36
CA GLY A 152 1.06 -32.80 11.19
C GLY A 152 2.16 -33.55 11.93
N ASP A 153 1.76 -34.42 12.86
CA ASP A 153 2.65 -35.44 13.45
C ASP A 153 3.18 -36.41 12.40
N ARG A 154 2.40 -36.63 11.37
CA ARG A 154 2.72 -37.55 10.30
C ARG A 154 3.01 -36.92 8.93
N VAL A 155 2.26 -35.90 8.57
CA VAL A 155 2.42 -35.17 7.35
C VAL A 155 3.44 -34.10 7.61
N LYS A 156 4.50 -34.12 6.80
CA LYS A 156 5.64 -33.21 6.87
C LYS A 156 5.91 -32.50 5.56
N HIS A 157 4.95 -32.56 4.65
CA HIS A 157 5.05 -31.94 3.34
C HIS A 157 3.66 -31.43 3.01
N TRP A 158 3.50 -30.10 3.00
CA TRP A 158 2.21 -29.46 2.81
C TRP A 158 2.24 -28.46 1.68
N ILE A 159 1.16 -28.47 0.90
CA ILE A 159 0.88 -27.41 -0.03
C ILE A 159 -0.36 -26.63 0.45
N THR A 160 -0.24 -25.31 0.48
CA THR A 160 -1.32 -24.43 0.85
C THR A 160 -2.36 -24.38 -0.26
N PHE A 161 -2.02 -23.72 -1.36
CA PHE A 161 -2.88 -23.55 -2.53
C PHE A 161 -2.34 -24.21 -3.78
N ASN A 162 -3.29 -24.61 -4.62
CA ASN A 162 -3.00 -25.18 -5.90
C ASN A 162 -3.52 -24.29 -6.99
N ALA A 163 -2.65 -23.93 -7.89
CA ALA A 163 -3.07 -23.29 -9.10
C ALA A 163 -4.01 -22.12 -8.96
N THR A 164 -3.57 -21.13 -8.21
CA THR A 164 -4.35 -19.95 -7.99
C THR A 164 -4.77 -19.23 -9.26
N VAL A 165 -3.94 -19.21 -10.29
CA VAL A 165 -4.20 -18.57 -11.55
C VAL A 165 -5.46 -19.13 -12.20
N MET A 166 -5.63 -20.42 -12.16
CA MET A 166 -6.80 -21.03 -12.71
C MET A 166 -8.09 -20.82 -11.99
N PHE A 167 -8.07 -21.06 -10.69
CA PHE A 167 -9.28 -20.94 -9.92
C PHE A 167 -9.74 -19.50 -9.82
N CYS A 168 -8.80 -18.59 -9.67
CA CYS A 168 -9.08 -17.18 -9.68
C CYS A 168 -9.39 -16.61 -11.07
N GLY A 169 -8.63 -17.02 -12.05
CA GLY A 169 -8.82 -16.56 -13.40
C GLY A 169 -10.01 -17.14 -14.11
N LEU A 170 -10.36 -18.35 -13.76
CA LEU A 170 -11.48 -19.00 -14.39
C LEU A 170 -12.77 -18.62 -13.68
N GLY A 171 -12.64 -18.34 -12.40
CA GLY A 171 -13.76 -17.96 -11.57
C GLY A 171 -14.24 -16.53 -11.77
N TYR A 172 -13.33 -15.62 -12.13
CA TYR A 172 -13.62 -14.17 -12.18
C TYR A 172 -13.49 -13.50 -13.57
N LEU A 173 -12.71 -14.13 -14.44
CA LEU A 173 -12.48 -13.64 -15.77
C LEU A 173 -13.26 -14.34 -16.87
N LYS A 174 -13.26 -15.65 -16.91
CA LYS A 174 -13.98 -16.39 -17.93
C LYS A 174 -15.29 -17.05 -17.53
N GLY A 175 -15.54 -17.17 -16.25
CA GLY A 175 -16.80 -17.76 -15.77
C GLY A 175 -16.92 -19.27 -15.89
N ALA A 176 -15.79 -19.92 -16.18
CA ALA A 176 -15.75 -21.36 -16.40
C ALA A 176 -15.61 -22.13 -15.10
N HIS A 177 -15.23 -21.45 -14.02
CA HIS A 177 -15.13 -22.08 -12.68
C HIS A 177 -16.06 -21.30 -11.74
N PRO A 178 -16.41 -21.88 -10.58
CA PRO A 178 -17.17 -21.06 -9.61
C PRO A 178 -16.36 -19.83 -9.15
N PRO A 179 -17.00 -18.71 -8.79
CA PRO A 179 -18.47 -18.55 -8.76
C PRO A 179 -19.16 -18.26 -10.12
N GLY A 180 -18.44 -18.39 -11.23
CA GLY A 180 -18.99 -18.17 -12.57
C GLY A 180 -18.95 -16.75 -13.14
N ILE A 181 -18.11 -15.89 -12.58
CA ILE A 181 -18.06 -14.47 -12.98
C ILE A 181 -17.17 -14.25 -14.22
N GLN A 182 -17.54 -13.25 -15.03
CA GLN A 182 -16.91 -12.94 -16.30
C GLN A 182 -16.41 -11.49 -16.36
N ASN A 183 -15.17 -11.31 -16.83
CA ASN A 183 -14.55 -9.99 -17.04
C ASN A 183 -14.55 -9.04 -15.88
N ASP A 184 -14.46 -9.58 -14.69
CA ASP A 184 -14.31 -8.75 -13.55
C ASP A 184 -12.86 -8.83 -13.20
N VAL A 185 -12.05 -7.99 -13.78
CA VAL A 185 -10.62 -8.00 -13.50
C VAL A 185 -10.27 -7.64 -12.09
N PRO A 186 -10.91 -6.64 -11.53
CA PRO A 186 -10.60 -6.21 -10.19
C PRO A 186 -10.86 -7.29 -9.16
N LYS A 187 -11.87 -8.11 -9.38
CA LYS A 187 -12.16 -9.20 -8.44
C LYS A 187 -11.12 -10.33 -8.54
N TYR A 188 -10.76 -10.66 -9.78
CA TYR A 188 -9.64 -11.53 -10.06
C TYR A 188 -8.39 -11.11 -9.30
N PHE A 189 -7.93 -9.92 -9.52
CA PHE A 189 -6.73 -9.49 -8.87
C PHE A 189 -6.88 -9.45 -7.38
N GLN A 190 -8.04 -9.03 -6.90
CA GLN A 190 -8.32 -9.01 -5.49
C GLN A 190 -8.31 -10.43 -4.93
N ALA A 191 -8.85 -11.38 -5.67
CA ALA A 191 -8.84 -12.76 -5.25
C ALA A 191 -7.42 -13.32 -5.12
N THR A 192 -6.56 -13.01 -6.06
CA THR A 192 -5.18 -13.49 -5.99
C THR A 192 -4.45 -12.93 -4.75
N HIS A 193 -4.76 -11.68 -4.41
CA HIS A 193 -4.16 -11.02 -3.26
C HIS A 193 -4.55 -11.67 -1.96
N TYR A 194 -5.84 -11.94 -1.79
CA TYR A 194 -6.26 -12.57 -0.53
C TYR A 194 -5.75 -14.02 -0.40
N VAL A 195 -5.64 -14.71 -1.55
CA VAL A 195 -5.04 -16.03 -1.57
C VAL A 195 -3.58 -15.94 -1.11
N PHE A 196 -2.80 -14.99 -1.66
CA PHE A 196 -1.37 -14.87 -1.31
C PHE A 196 -1.18 -14.43 0.14
N TYR A 197 -2.14 -13.66 0.63
CA TYR A 197 -2.20 -13.31 2.03
C TYR A 197 -2.53 -14.52 2.90
N ALA A 198 -3.56 -15.26 2.55
CA ALA A 198 -3.88 -16.48 3.29
C ALA A 198 -2.67 -17.45 3.35
N HIS A 199 -1.96 -17.57 2.21
CA HIS A 199 -0.78 -18.42 2.11
C HIS A 199 0.31 -18.00 3.11
N ALA A 200 0.68 -16.73 3.05
CA ALA A 200 1.78 -16.22 3.87
C ALA A 200 1.46 -16.27 5.37
N LYS A 201 0.21 -15.92 5.70
CA LYS A 201 -0.26 -16.06 7.07
C LYS A 201 -0.26 -17.52 7.50
N THR A 202 -0.70 -18.41 6.62
CA THR A 202 -0.72 -19.86 6.94
C THR A 202 0.70 -20.41 7.17
N VAL A 203 1.62 -19.98 6.32
CA VAL A 203 3.02 -20.30 6.49
C VAL A 203 3.53 -19.80 7.83
N ALA A 204 3.21 -18.57 8.22
CA ALA A 204 3.67 -18.07 9.53
C ALA A 204 3.15 -18.98 10.70
N VAL A 205 1.87 -19.28 10.64
CA VAL A 205 1.23 -20.19 11.61
C VAL A 205 1.87 -21.57 11.65
N TYR A 206 2.12 -22.14 10.48
CA TYR A 206 2.76 -23.47 10.44
C TYR A 206 4.13 -23.48 11.13
N LYS A 207 4.97 -22.50 10.85
CA LYS A 207 6.28 -22.41 11.48
C LYS A 207 6.22 -22.17 13.01
N GLN A 208 5.25 -21.38 13.47
CA GLN A 208 4.99 -21.16 14.92
C GLN A 208 4.52 -22.39 15.62
N LEU A 209 4.02 -23.34 14.87
CA LEU A 209 3.60 -24.65 15.34
C LEU A 209 4.74 -25.64 15.69
N LYS A 210 5.92 -25.44 15.11
CA LYS A 210 7.13 -26.25 15.35
C LYS A 210 6.96 -27.70 14.99
N GLN A 211 6.39 -27.94 13.83
CA GLN A 211 6.14 -29.29 13.37
C GLN A 211 7.25 -29.91 12.55
N TYR A 212 8.16 -29.09 12.01
CA TYR A 212 9.40 -29.57 11.34
C TYR A 212 9.15 -30.44 10.13
N GLY A 213 8.16 -30.02 9.36
CA GLY A 213 7.98 -30.49 8.00
C GLY A 213 8.21 -29.27 7.14
N GLU A 214 7.64 -29.29 5.95
CA GLU A 214 7.87 -28.22 5.00
C GLU A 214 6.53 -27.79 4.34
N ILE A 215 6.49 -26.54 3.90
CA ILE A 215 5.30 -25.91 3.40
C ILE A 215 5.69 -24.97 2.29
N GLY A 216 4.78 -24.84 1.33
CA GLY A 216 4.94 -23.92 0.22
C GLY A 216 3.67 -23.91 -0.60
N ILE A 217 3.64 -23.11 -1.67
CA ILE A 217 2.49 -23.01 -2.56
C ILE A 217 2.76 -23.75 -3.89
N THR A 218 1.70 -24.17 -4.57
CA THR A 218 1.81 -24.79 -5.90
C THR A 218 1.12 -23.86 -6.86
N HIS A 219 1.93 -23.34 -7.80
CA HIS A 219 1.43 -22.59 -8.96
C HIS A 219 1.46 -23.43 -10.22
N VAL A 220 0.56 -23.08 -11.13
CA VAL A 220 0.76 -23.31 -12.55
C VAL A 220 2.06 -22.64 -12.99
N PHE A 221 2.83 -23.39 -13.78
CA PHE A 221 3.99 -22.84 -14.46
C PHE A 221 3.70 -22.87 -15.96
N LEU A 222 3.61 -21.68 -16.55
CA LEU A 222 3.18 -21.49 -17.92
C LEU A 222 4.10 -20.47 -18.57
N PRO A 223 5.40 -20.83 -18.71
CA PRO A 223 6.37 -19.94 -19.34
C PRO A 223 5.92 -19.48 -20.70
N ALA A 224 6.08 -18.21 -20.98
CA ALA A 224 5.68 -17.62 -22.24
C ALA A 224 6.91 -17.33 -23.10
N TYR A 225 6.91 -17.82 -24.33
CA TYR A 225 7.95 -17.44 -25.30
C TYR A 225 7.37 -16.57 -26.42
N SER A 226 8.20 -15.63 -26.89
CA SER A 226 7.95 -14.93 -28.13
C SER A 226 7.99 -15.93 -29.30
N VAL A 227 7.00 -15.83 -30.18
CA VAL A 227 6.88 -16.65 -31.36
C VAL A 227 8.07 -16.48 -32.33
N ASP A 228 8.82 -15.37 -32.24
CA ASP A 228 10.00 -15.15 -33.08
C ASP A 228 10.97 -14.11 -32.46
N ASP A 229 11.95 -13.64 -33.23
CA ASP A 229 12.92 -12.58 -32.80
C ASP A 229 12.44 -11.12 -32.82
N GLN A 230 11.20 -10.90 -33.24
CA GLN A 230 10.60 -9.60 -33.34
C GLN A 230 10.33 -8.97 -32.01
N LYS A 231 10.72 -7.70 -31.92
CA LYS A 231 10.64 -6.94 -30.71
C LYS A 231 9.28 -6.78 -30.16
N GLU A 232 8.30 -6.60 -31.04
CA GLU A 232 6.94 -6.51 -30.55
C GLU A 232 6.51 -7.81 -29.92
N ASN A 233 6.89 -8.92 -30.54
CA ASN A 233 6.60 -10.22 -29.99
C ASN A 233 7.34 -10.52 -28.69
N ILE A 234 8.61 -10.16 -28.61
CA ILE A 234 9.42 -10.33 -27.38
C ILE A 234 8.79 -9.54 -26.19
N GLN A 235 8.38 -8.32 -26.48
CA GLN A 235 7.66 -7.49 -25.53
C GLN A 235 6.33 -8.12 -25.07
N ALA A 236 5.63 -8.75 -26.02
CA ALA A 236 4.39 -9.47 -25.73
C ALA A 236 4.63 -10.65 -24.78
N ALA A 237 5.74 -11.34 -24.99
CA ALA A 237 6.16 -12.42 -24.08
C ALA A 237 6.49 -11.91 -22.66
N ASN A 238 7.34 -10.89 -22.60
CA ASN A 238 7.70 -10.20 -21.33
C ASN A 238 6.48 -9.82 -20.50
N HIS A 239 5.48 -9.28 -21.17
CA HIS A 239 4.20 -8.91 -20.59
C HIS A 239 3.36 -10.13 -20.11
N ALA A 240 3.24 -11.12 -20.98
CA ALA A 240 2.71 -12.43 -20.63
C ALA A 240 3.34 -13.01 -19.37
N ASN A 241 4.67 -13.08 -19.37
CA ASN A 241 5.43 -13.57 -18.19
C ASN A 241 5.22 -12.77 -16.89
N GLU A 242 5.17 -11.45 -17.01
CA GLU A 242 4.81 -10.54 -15.92
C GLU A 242 3.48 -10.93 -15.29
N TYR A 243 2.44 -11.13 -16.10
CA TYR A 243 1.07 -11.37 -15.58
C TYR A 243 0.79 -12.81 -15.16
N GLU A 244 1.42 -13.74 -15.86
CA GLU A 244 1.22 -15.17 -15.68
C GLU A 244 2.22 -15.81 -14.74
N THR A 245 3.45 -15.30 -14.69
CA THR A 245 4.48 -15.90 -13.82
C THR A 245 4.81 -14.93 -12.68
N TYR A 246 5.28 -13.74 -12.99
CA TYR A 246 5.78 -12.80 -11.95
C TYR A 246 4.75 -12.35 -10.91
N TRP A 247 3.54 -12.02 -11.31
CA TRP A 247 2.48 -11.66 -10.39
C TRP A 247 2.27 -12.73 -9.31
N TYR A 248 2.41 -13.98 -9.69
CA TYR A 248 2.19 -15.12 -8.83
C TYR A 248 3.45 -15.49 -8.01
N TYR A 249 4.61 -15.54 -8.65
CA TYR A 249 5.82 -16.09 -7.98
C TYR A 249 6.59 -15.00 -7.18
N ASP A 250 6.51 -13.75 -7.63
CA ASP A 250 7.16 -12.68 -6.94
C ASP A 250 6.64 -12.44 -5.54
N PRO A 251 5.33 -12.40 -5.37
CA PRO A 251 4.79 -12.18 -4.04
C PRO A 251 5.14 -13.30 -3.08
N ILE A 252 5.03 -14.54 -3.53
CA ILE A 252 5.42 -15.64 -2.66
C ILE A 252 6.89 -15.78 -2.45
N LEU A 253 7.64 -15.87 -3.53
CA LEU A 253 9.07 -15.95 -3.43
C LEU A 253 9.85 -14.70 -3.04
N LYS A 254 9.47 -13.55 -3.55
CA LYS A 254 10.20 -12.34 -3.25
C LYS A 254 9.64 -11.46 -2.16
N GLY A 255 8.37 -11.62 -1.87
CA GLY A 255 7.72 -10.79 -0.84
C GLY A 255 7.17 -9.44 -1.34
N GLU A 256 7.28 -9.21 -2.62
CA GLU A 256 6.78 -8.01 -3.22
C GLU A 256 6.07 -8.32 -4.49
N TYR A 257 5.01 -7.62 -4.78
CA TYR A 257 4.37 -7.75 -6.08
C TYR A 257 5.26 -7.11 -7.16
N PRO A 258 5.11 -7.53 -8.43
CA PRO A 258 5.97 -7.01 -9.47
C PRO A 258 5.54 -5.61 -9.82
N SER A 259 6.44 -4.65 -9.67
CA SER A 259 6.07 -3.24 -9.87
C SER A 259 5.55 -2.92 -11.27
N TYR A 260 6.08 -3.58 -12.30
CA TYR A 260 5.47 -3.47 -13.64
C TYR A 260 3.93 -3.60 -13.64
N VAL A 261 3.40 -4.71 -13.14
CA VAL A 261 1.97 -4.94 -13.08
C VAL A 261 1.25 -4.02 -12.13
N VAL A 262 1.84 -3.79 -10.97
CA VAL A 262 1.32 -2.80 -10.01
C VAL A 262 1.08 -1.41 -10.71
N GLN A 263 2.08 -0.93 -11.44
CA GLN A 263 1.95 0.33 -12.18
C GLN A 263 0.74 0.32 -13.13
N GLN A 264 0.51 -0.79 -13.81
CA GLN A 264 -0.56 -0.88 -14.81
C GLN A 264 -1.94 -1.03 -14.19
N LEU A 265 -2.06 -1.78 -13.10
CA LEU A 265 -3.31 -1.81 -12.34
C LEU A 265 -3.64 -0.43 -11.79
N LYS A 266 -2.67 0.33 -11.35
CA LYS A 266 -2.98 1.64 -10.84
C LYS A 266 -3.55 2.55 -11.88
N GLU A 267 -2.95 2.50 -13.05
CA GLU A 267 -3.38 3.30 -14.20
C GLU A 267 -4.76 2.95 -14.65
N LYS A 268 -5.03 1.67 -14.64
CA LYS A 268 -6.36 1.17 -15.08
C LYS A 268 -7.42 1.29 -13.98
N GLY A 269 -7.04 1.72 -12.78
CA GLY A 269 -7.93 1.70 -11.62
C GLY A 269 -8.30 0.33 -11.02
N TRP A 270 -7.54 -0.73 -11.32
CA TRP A 270 -7.85 -2.11 -10.90
C TRP A 270 -7.06 -2.60 -9.66
N THR A 271 -6.34 -1.75 -8.95
CA THR A 271 -5.52 -2.25 -7.83
C THR A 271 -6.36 -2.85 -6.68
N PRO A 272 -5.93 -3.94 -6.08
CA PRO A 272 -6.70 -4.56 -5.05
C PRO A 272 -6.81 -3.72 -3.82
N ASN A 273 -7.80 -3.99 -2.99
CA ASN A 273 -7.97 -3.27 -1.77
C ASN A 273 -7.07 -3.95 -0.78
N TRP A 274 -5.82 -3.55 -0.75
CA TRP A 274 -4.87 -4.17 0.10
C TRP A 274 -4.35 -3.22 1.14
N THR A 275 -4.07 -3.78 2.30
CA THR A 275 -3.56 -3.03 3.42
C THR A 275 -2.08 -3.22 3.63
N VAL A 276 -1.49 -2.32 4.35
CA VAL A 276 -0.08 -2.41 4.71
C VAL A 276 0.18 -3.69 5.50
N GLU A 277 -0.72 -4.03 6.41
CA GLU A 277 -0.52 -5.15 7.32
C GLU A 277 -0.43 -6.47 6.53
N GLU A 278 -1.38 -6.66 5.61
CA GLU A 278 -1.40 -7.79 4.70
C GLU A 278 -0.13 -7.89 3.87
N LEU A 279 0.35 -6.77 3.34
CA LEU A 279 1.53 -6.78 2.49
C LEU A 279 2.82 -7.04 3.28
N GLU A 280 2.81 -6.71 4.58
CA GLU A 280 3.94 -6.99 5.49
C GLU A 280 4.03 -8.46 5.82
N ILE A 281 2.89 -9.05 6.09
CA ILE A 281 2.76 -10.48 6.31
C ILE A 281 3.30 -11.29 5.09
N ILE A 282 2.90 -10.87 3.90
CA ILE A 282 3.47 -11.38 2.65
C ILE A 282 4.98 -11.13 2.56
N LYS A 283 5.40 -9.91 2.84
CA LYS A 283 6.81 -9.50 2.74
C LYS A 283 7.71 -10.30 3.73
N GLN A 284 7.25 -10.45 4.97
CA GLN A 284 8.04 -11.07 6.03
C GLN A 284 8.05 -12.58 5.87
N ASN A 285 7.02 -13.13 5.20
CA ASN A 285 6.91 -14.59 5.05
C ASN A 285 7.37 -15.18 3.73
N ALA A 286 7.81 -14.34 2.80
CA ALA A 286 8.44 -14.85 1.57
C ALA A 286 9.60 -15.79 1.89
N GLU A 287 10.46 -15.39 2.84
CA GLU A 287 11.59 -16.22 3.29
C GLU A 287 11.24 -17.51 4.05
N GLU A 288 9.97 -17.73 4.38
CA GLU A 288 9.57 -18.92 5.16
C GLU A 288 9.18 -20.14 4.31
N ASN A 289 8.86 -19.91 3.04
CA ASN A 289 8.53 -20.98 2.08
C ASN A 289 9.69 -21.93 1.99
N ASP A 290 9.45 -23.19 2.20
CA ASP A 290 10.52 -24.18 2.06
C ASP A 290 10.77 -24.54 0.59
N PHE A 291 9.75 -24.37 -0.25
CA PHE A 291 9.78 -24.81 -1.63
C PHE A 291 8.75 -24.05 -2.48
N ILE A 292 8.90 -24.20 -3.81
CA ILE A 292 7.85 -23.83 -4.75
C ILE A 292 7.40 -25.07 -5.53
N GLY A 293 6.08 -25.16 -5.63
CA GLY A 293 5.43 -26.23 -6.38
C GLY A 293 5.17 -25.73 -7.78
N LEU A 294 5.41 -26.60 -8.77
CA LEU A 294 5.10 -26.33 -10.18
C LEU A 294 4.16 -27.38 -10.75
N ASN A 295 3.03 -26.92 -11.23
CA ASN A 295 2.15 -27.64 -12.13
C ASN A 295 2.49 -27.16 -13.52
N TYR A 296 3.20 -27.99 -14.28
CA TYR A 296 3.66 -27.59 -15.61
C TYR A 296 3.11 -28.60 -16.66
N TYR A 297 2.43 -28.10 -17.68
CA TYR A 297 2.04 -28.92 -18.85
C TYR A 297 2.57 -28.45 -20.19
N GLN A 298 2.59 -27.14 -20.37
CA GLN A 298 2.97 -26.57 -21.63
C GLN A 298 3.48 -25.13 -21.42
N PRO A 299 4.20 -24.61 -22.40
CA PRO A 299 4.51 -23.20 -22.44
C PRO A 299 3.42 -22.53 -23.25
N ILE A 300 3.56 -21.23 -23.54
CA ILE A 300 2.72 -20.58 -24.55
C ILE A 300 3.61 -19.78 -25.46
N ARG A 301 3.18 -19.73 -26.71
CA ARG A 301 3.86 -19.06 -27.78
C ARG A 301 3.02 -17.81 -28.07
N VAL A 302 3.61 -16.62 -27.93
CA VAL A 302 2.81 -15.40 -28.06
C VAL A 302 3.28 -14.48 -29.17
N GLU A 303 2.30 -13.82 -29.78
CA GLU A 303 2.53 -12.69 -30.63
C GLU A 303 1.71 -11.54 -30.04
N ARG A 304 2.18 -10.32 -30.26
CA ARG A 304 1.41 -9.13 -29.94
C ARG A 304 0.12 -9.01 -30.79
N TYR A 305 -0.94 -8.44 -30.19
CA TYR A 305 -2.30 -8.26 -30.80
C TYR A 305 -2.35 -7.82 -32.28
N ASP A 306 -1.42 -6.94 -32.64
CA ASP A 306 -1.36 -6.31 -33.96
C ASP A 306 -0.31 -6.95 -34.91
N MET A 307 0.14 -8.15 -34.57
CA MET A 307 1.16 -8.87 -35.32
C MET A 307 0.58 -10.14 -35.95
N ASP A 308 -0.67 -10.07 -36.36
CA ASP A 308 -1.33 -11.18 -37.02
C ASP A 308 -0.56 -11.43 -38.31
N ILE A 309 -0.55 -10.41 -39.16
CA ILE A 309 0.10 -10.40 -40.42
C ILE A 309 1.63 -10.51 -40.33
N LYS A 310 2.21 -9.87 -39.32
CA LYS A 310 3.65 -9.88 -39.00
C LYS A 310 4.67 -10.25 -40.06
N LEU A 321 1.06 -21.84 -38.83
CA LEU A 321 1.03 -20.83 -37.79
C LEU A 321 -0.38 -20.33 -37.49
N ALA A 322 -1.20 -21.21 -36.98
CA ALA A 322 -2.56 -20.85 -36.66
C ALA A 322 -2.61 -19.81 -35.57
N PRO A 323 -3.73 -19.13 -35.48
CA PRO A 323 -3.94 -18.04 -34.54
C PRO A 323 -4.12 -18.52 -33.11
N GLY A 324 -4.35 -17.59 -32.20
CA GLY A 324 -4.52 -17.88 -30.79
C GLY A 324 -5.57 -17.10 -30.03
N ASN A 325 -5.86 -17.54 -28.82
CA ASN A 325 -6.78 -16.83 -27.95
C ASN A 325 -6.13 -15.55 -27.48
N PRO A 326 -6.88 -14.47 -27.49
CA PRO A 326 -6.35 -13.19 -27.03
C PRO A 326 -6.28 -13.16 -25.51
N SER A 327 -5.35 -12.37 -24.98
CA SER A 327 -5.17 -12.22 -23.56
C SER A 327 -6.25 -11.35 -22.99
N PHE A 328 -6.51 -11.50 -21.70
CA PHE A 328 -7.55 -10.73 -21.02
C PHE A 328 -7.56 -9.21 -21.25
N ASP A 329 -6.41 -8.58 -21.37
CA ASP A 329 -6.38 -7.18 -21.69
C ASP A 329 -6.14 -6.95 -23.16
N GLY A 330 -6.25 -7.99 -23.98
CA GLY A 330 -6.03 -7.87 -25.40
C GLY A 330 -4.73 -7.25 -25.89
N PHE A 331 -3.60 -7.52 -25.24
CA PHE A 331 -2.34 -6.96 -25.69
C PHE A 331 -1.54 -7.95 -26.51
N TYR A 332 -1.81 -9.22 -26.28
CA TYR A 332 -1.17 -10.32 -26.93
C TYR A 332 -2.18 -11.43 -27.16
N ARG A 333 -1.76 -12.42 -27.90
CA ARG A 333 -2.52 -13.63 -28.08
C ARG A 333 -1.57 -14.79 -28.13
N THR A 334 -2.06 -15.95 -27.78
CA THR A 334 -1.29 -17.16 -27.86
C THR A 334 -1.54 -17.81 -29.19
N VAL A 335 -0.55 -18.49 -29.74
CA VAL A 335 -0.74 -19.18 -31.01
C VAL A 335 -0.17 -20.59 -31.09
N LYS A 336 -0.80 -21.42 -31.92
CA LYS A 336 -0.29 -22.73 -32.35
C LYS A 336 0.58 -22.60 -33.59
N MET A 337 1.46 -23.58 -33.81
CA MET A 337 2.51 -23.53 -34.88
C MET A 337 2.76 -24.93 -35.50
N ASP A 338 2.89 -25.01 -36.84
CA ASP A 338 3.20 -26.27 -37.62
C ASP A 338 4.27 -27.12 -36.95
N ASP A 339 5.37 -26.45 -36.59
CA ASP A 339 6.62 -27.13 -36.20
C ASP A 339 6.63 -27.71 -34.78
N LYS A 340 5.50 -27.62 -34.05
CA LYS A 340 5.35 -28.16 -32.68
C LYS A 340 4.30 -29.26 -32.60
N THR A 341 4.39 -29.99 -31.49
CA THR A 341 3.52 -31.12 -31.19
C THR A 341 2.47 -30.71 -30.14
N TYR A 342 1.24 -31.15 -30.33
CA TYR A 342 0.13 -30.83 -29.43
C TYR A 342 -0.54 -32.10 -28.97
N THR A 343 -1.18 -32.03 -27.82
CA THR A 343 -2.06 -33.07 -27.35
C THR A 343 -3.36 -33.03 -28.16
N LYS A 344 -4.23 -34.00 -27.91
CA LYS A 344 -5.55 -34.07 -28.56
C LYS A 344 -6.56 -33.02 -28.09
N TRP A 345 -6.31 -32.41 -26.92
CA TRP A 345 -7.04 -31.23 -26.44
C TRP A 345 -6.26 -29.90 -26.69
N GLY A 346 -5.22 -29.96 -27.54
CA GLY A 346 -4.55 -28.78 -28.06
C GLY A 346 -3.47 -28.15 -27.21
N TRP A 347 -2.96 -28.88 -26.22
CA TRP A 347 -1.90 -28.36 -25.33
C TRP A 347 -0.58 -28.74 -25.96
N GLU A 348 0.34 -27.80 -26.00
CA GLU A 348 1.66 -28.04 -26.56
C GLU A 348 2.44 -29.04 -25.70
N ILE A 349 3.20 -29.91 -26.34
CA ILE A 349 4.14 -30.82 -25.68
C ILE A 349 5.52 -30.29 -26.03
N SER A 350 6.19 -29.71 -25.04
CA SER A 350 7.44 -28.98 -25.31
C SER A 350 8.43 -29.17 -24.17
N PRO A 351 9.20 -30.26 -24.23
CA PRO A 351 10.29 -30.46 -23.27
C PRO A 351 11.34 -29.34 -23.25
N GLU A 352 11.68 -28.79 -24.42
CA GLU A 352 12.60 -27.66 -24.50
C GLU A 352 11.92 -26.42 -23.87
N GLY A 353 10.61 -26.30 -24.11
CA GLY A 353 9.76 -25.33 -23.41
C GLY A 353 9.93 -25.35 -21.89
N PHE A 354 9.78 -26.55 -21.32
CA PHE A 354 9.95 -26.80 -19.89
C PHE A 354 11.35 -26.49 -19.39
N LEU A 355 12.37 -26.88 -20.16
CA LEU A 355 13.77 -26.72 -19.71
C LEU A 355 14.18 -25.27 -19.60
N GLU A 356 13.96 -24.52 -20.66
CA GLU A 356 14.28 -23.10 -20.61
C GLU A 356 13.43 -22.40 -19.54
N GLY A 357 12.18 -22.85 -19.40
CA GLY A 357 11.29 -22.40 -18.35
C GLY A 357 11.95 -22.54 -16.99
N LEU A 358 12.51 -23.68 -16.71
CA LEU A 358 13.20 -23.90 -15.46
C LEU A 358 14.38 -22.97 -15.32
N HIS A 359 15.07 -22.70 -16.40
CA HIS A 359 16.21 -21.78 -16.34
C HIS A 359 15.81 -20.35 -15.97
N MET A 360 14.81 -19.82 -16.68
CA MET A 360 14.17 -18.55 -16.38
C MET A 360 13.85 -18.45 -14.85
N LEU A 361 13.34 -19.53 -14.24
CA LEU A 361 12.96 -19.54 -12.83
C LEU A 361 14.17 -19.53 -11.88
N LYS A 362 15.27 -20.21 -12.22
CA LYS A 362 16.47 -20.10 -11.36
C LYS A 362 17.14 -18.71 -11.51
N ALA A 363 17.02 -18.08 -12.67
CA ALA A 363 17.57 -16.72 -12.86
C ALA A 363 16.89 -15.69 -11.94
N ARG A 364 15.58 -15.81 -11.78
CA ARG A 364 14.83 -14.84 -10.98
C ARG A 364 14.76 -15.17 -9.51
N TYR A 365 14.49 -16.42 -9.19
CA TYR A 365 14.25 -16.85 -7.80
C TYR A 365 15.40 -17.63 -7.19
N GLY A 366 16.48 -17.82 -7.94
CA GLY A 366 17.72 -18.41 -7.39
C GLY A 366 17.58 -19.89 -7.11
N ASP A 367 18.12 -20.33 -5.98
CA ASP A 367 18.20 -21.75 -5.66
C ASP A 367 16.96 -22.36 -4.98
N ILE A 368 15.80 -21.78 -5.19
CA ILE A 368 14.63 -22.24 -4.50
C ILE A 368 14.39 -23.69 -4.78
N LYS A 369 13.91 -24.40 -3.79
CA LYS A 369 13.67 -25.80 -3.96
C LYS A 369 12.41 -25.95 -4.78
N MET A 370 12.51 -26.71 -5.86
CA MET A 370 11.36 -26.92 -6.76
C MET A 370 10.82 -28.35 -6.69
N TYR A 371 9.51 -28.49 -6.50
CA TYR A 371 8.79 -29.75 -6.79
C TYR A 371 7.91 -29.55 -8.00
N VAL A 372 7.92 -30.52 -8.90
CA VAL A 372 6.97 -30.53 -10.01
C VAL A 372 5.76 -31.28 -9.45
N THR A 373 4.79 -30.52 -9.00
CA THR A 373 3.65 -31.09 -8.28
C THR A 373 2.56 -31.65 -9.22
N GLU A 374 2.68 -31.31 -10.51
CA GLU A 374 1.83 -31.87 -11.55
C GLU A 374 2.56 -31.78 -12.88
N ASN A 375 2.51 -32.88 -13.62
CA ASN A 375 2.93 -32.93 -15.03
C ASN A 375 2.41 -34.23 -15.58
N GLY A 376 1.80 -34.20 -16.74
CA GLY A 376 1.25 -35.43 -17.30
C GLY A 376 0.58 -35.21 -18.60
N LEU A 377 0.11 -36.30 -19.21
CA LEU A 377 -0.60 -36.25 -20.50
C LEU A 377 -2.06 -36.68 -20.38
N GLY A 378 -2.90 -35.80 -20.94
CA GLY A 378 -4.34 -36.00 -21.01
C GLY A 378 -4.58 -36.68 -22.35
N ASP A 379 -5.27 -37.82 -22.35
CA ASP A 379 -5.39 -38.66 -23.57
C ASP A 379 -6.64 -39.53 -23.61
N GLU A 380 -7.00 -39.93 -24.80
CA GLU A 380 -8.02 -40.92 -24.93
C GLU A 380 -7.12 -42.16 -25.19
N ASP A 381 -6.89 -42.94 -24.16
CA ASP A 381 -5.98 -44.06 -24.20
C ASP A 381 -6.26 -45.17 -25.19
N PRO A 382 -5.27 -45.54 -25.99
CA PRO A 382 -5.42 -46.77 -26.79
C PRO A 382 -5.79 -47.97 -25.91
N ILE A 383 -6.83 -48.70 -26.26
CA ILE A 383 -7.20 -49.94 -25.56
C ILE A 383 -7.11 -51.08 -26.60
N ILE A 384 -6.47 -52.17 -26.21
CA ILE A 384 -6.28 -53.35 -27.05
C ILE A 384 -6.49 -54.61 -26.18
N ASP A 385 -7.46 -55.44 -26.56
CA ASP A 385 -7.84 -56.66 -25.82
C ASP A 385 -8.06 -56.44 -24.33
N GLY A 386 -8.70 -55.34 -24.00
CA GLY A 386 -8.94 -54.98 -22.62
C GLY A 386 -7.72 -54.49 -21.85
N GLU A 387 -6.68 -54.08 -22.56
CA GLU A 387 -5.46 -53.58 -21.91
C GLU A 387 -5.25 -52.16 -22.36
N ILE A 388 -4.91 -51.29 -21.42
CA ILE A 388 -4.65 -49.89 -21.73
C ILE A 388 -3.16 -49.79 -22.03
N VAL A 389 -2.84 -49.60 -23.30
CA VAL A 389 -1.44 -49.48 -23.77
C VAL A 389 -1.11 -48.02 -24.07
N ASP A 390 -1.04 -47.26 -22.99
CA ASP A 390 -0.88 -45.79 -23.07
C ASP A 390 0.58 -45.41 -23.29
N VAL A 391 1.06 -45.72 -24.45
CA VAL A 391 2.40 -45.42 -24.86
C VAL A 391 2.64 -43.94 -24.93
N PRO A 392 1.69 -43.15 -25.42
CA PRO A 392 1.87 -41.66 -25.50
C PRO A 392 2.19 -41.02 -24.16
N ARG A 393 1.47 -41.43 -23.12
CA ARG A 393 1.70 -40.99 -21.74
C ARG A 393 3.13 -41.29 -21.23
N ILE A 394 3.60 -42.52 -21.50
CA ILE A 394 4.95 -42.93 -21.21
C ILE A 394 5.95 -41.97 -21.90
N LYS A 395 5.76 -41.73 -23.21
CA LYS A 395 6.66 -40.85 -23.97
C LYS A 395 6.63 -39.43 -23.45
N PHE A 396 5.45 -38.96 -23.05
CA PHE A 396 5.30 -37.64 -22.43
C PHE A 396 6.10 -37.52 -21.10
N ILE A 397 5.81 -38.38 -20.15
CA ILE A 397 6.47 -38.39 -18.85
C ILE A 397 7.99 -38.61 -19.08
N GLU A 398 8.36 -39.56 -19.94
CA GLU A 398 9.79 -39.80 -20.26
C GLU A 398 10.56 -38.56 -20.70
N ALA A 399 9.95 -37.77 -21.57
CA ALA A 399 10.56 -36.58 -22.14
C ALA A 399 10.73 -35.55 -21.03
N HIS A 400 9.73 -35.47 -20.16
CA HIS A 400 9.77 -34.48 -19.09
C HIS A 400 10.75 -34.90 -17.99
N LEU A 401 10.81 -36.19 -17.70
CA LEU A 401 11.76 -36.70 -16.73
C LEU A 401 13.18 -36.47 -17.20
N LYS A 402 13.44 -36.64 -18.49
CA LYS A 402 14.76 -36.37 -19.07
C LYS A 402 15.20 -34.92 -18.93
N VAL A 403 14.29 -33.97 -19.11
CA VAL A 403 14.65 -32.55 -18.94
C VAL A 403 14.89 -32.22 -17.49
N MET A 404 14.18 -32.89 -16.60
CA MET A 404 14.46 -32.73 -15.19
C MET A 404 15.83 -33.23 -14.77
N LYS A 405 16.16 -34.42 -15.27
CA LYS A 405 17.50 -35.02 -15.09
C LYS A 405 18.61 -34.05 -15.53
N ARG A 406 18.43 -33.42 -16.68
CA ARG A 406 19.30 -32.40 -17.21
C ARG A 406 19.29 -31.09 -16.39
N ALA A 407 18.12 -30.67 -15.92
CA ALA A 407 18.03 -29.48 -15.06
C ALA A 407 18.85 -29.65 -13.79
N ILE A 408 18.71 -30.83 -13.20
CA ILE A 408 19.47 -31.23 -12.02
C ILE A 408 20.97 -31.28 -12.30
N GLU A 409 21.36 -31.94 -13.38
CA GLU A 409 22.77 -31.90 -13.83
C GLU A 409 23.26 -30.46 -13.97
N GLU A 410 22.40 -29.56 -14.42
CA GLU A 410 22.71 -28.13 -14.54
C GLU A 410 22.56 -27.30 -13.25
N GLY A 411 22.51 -27.96 -12.10
CA GLY A 411 22.34 -27.26 -10.81
C GLY A 411 20.99 -26.58 -10.54
N ILE A 412 19.90 -27.14 -11.05
CA ILE A 412 18.59 -26.67 -10.62
C ILE A 412 18.12 -27.59 -9.49
N ASN A 413 17.48 -27.00 -8.49
CA ASN A 413 17.19 -27.64 -7.19
C ASN A 413 15.83 -28.34 -7.18
N LEU A 414 15.72 -29.34 -8.04
CA LEU A 414 14.48 -30.05 -8.25
C LEU A 414 14.47 -31.25 -7.35
N LYS A 415 13.45 -31.38 -6.50
CA LYS A 415 13.46 -32.45 -5.50
C LYS A 415 12.26 -33.34 -5.46
N GLY A 416 11.50 -33.35 -6.54
CA GLY A 416 10.41 -34.28 -6.67
C GLY A 416 9.63 -34.10 -7.94
N TYR A 417 8.89 -35.13 -8.30
CA TYR A 417 8.13 -35.16 -9.56
C TYR A 417 6.86 -35.93 -9.32
N TYR A 418 5.73 -35.27 -9.54
CA TYR A 418 4.41 -35.86 -9.26
C TYR A 418 3.61 -35.87 -10.54
N ALA A 419 3.47 -37.04 -11.13
CA ALA A 419 2.76 -37.17 -12.36
C ALA A 419 1.30 -36.86 -12.17
N TRP A 420 0.75 -36.09 -13.09
CA TRP A 420 -0.65 -35.79 -12.97
C TRP A 420 -1.47 -36.93 -13.41
N SER A 421 -2.12 -37.40 -12.35
CA SER A 421 -3.06 -38.45 -12.18
C SER A 421 -2.43 -39.78 -11.86
N VAL A 422 -2.59 -40.20 -10.63
CA VAL A 422 -2.12 -41.48 -10.21
C VAL A 422 -3.17 -42.48 -10.66
N ILE A 423 -4.40 -42.03 -10.74
CA ILE A 423 -5.57 -42.83 -11.13
C ILE A 423 -6.36 -41.95 -12.08
N ASP A 424 -7.10 -42.59 -12.97
CA ASP A 424 -8.09 -41.90 -13.77
C ASP A 424 -9.13 -41.24 -12.87
N LEU A 425 -9.50 -40.02 -13.26
CA LEU A 425 -10.35 -39.17 -12.44
C LEU A 425 -10.99 -38.11 -13.30
N LEU A 426 -11.83 -37.29 -12.66
CA LEU A 426 -12.57 -36.22 -13.33
C LEU A 426 -11.74 -35.00 -13.67
N SER A 427 -11.63 -34.72 -14.96
CA SER A 427 -11.09 -33.44 -15.44
C SER A 427 -12.25 -32.48 -15.37
N TRP A 428 -12.09 -31.48 -14.51
CA TRP A 428 -13.11 -30.42 -14.22
C TRP A 428 -14.05 -30.08 -15.38
N LEU A 429 -13.47 -29.70 -16.49
CA LEU A 429 -14.21 -29.31 -17.66
C LEU A 429 -14.14 -30.20 -18.89
N ASN A 430 -13.52 -31.35 -18.79
CA ASN A 430 -13.34 -32.28 -19.92
C ASN A 430 -13.88 -33.71 -19.70
N GLY A 431 -14.64 -33.89 -18.64
CA GLY A 431 -15.15 -35.19 -18.30
C GLY A 431 -14.11 -36.20 -17.81
N TYR A 432 -14.53 -37.46 -17.89
CA TYR A 432 -13.69 -38.63 -17.69
C TYR A 432 -12.85 -38.99 -18.95
N LYS A 433 -13.17 -38.39 -20.09
CA LYS A 433 -12.58 -38.71 -21.37
C LYS A 433 -11.15 -38.21 -21.49
N LYS A 434 -10.81 -37.17 -20.74
CA LYS A 434 -9.45 -36.68 -20.68
C LYS A 434 -8.76 -37.41 -19.54
N GLN A 435 -8.29 -38.61 -19.88
CA GLN A 435 -7.57 -39.45 -18.96
C GLN A 435 -6.17 -38.93 -18.79
N TYR A 436 -5.71 -39.09 -17.56
CA TYR A 436 -4.41 -38.70 -17.12
C TYR A 436 -3.76 -39.70 -16.17
N GLY A 437 -4.39 -40.81 -15.86
CA GLY A 437 -3.84 -41.72 -14.87
C GLY A 437 -2.93 -42.87 -15.19
N PHE A 438 -2.38 -43.47 -14.16
CA PHE A 438 -1.55 -44.63 -14.25
C PHE A 438 -2.46 -45.80 -14.09
N ILE A 439 -3.40 -45.67 -13.18
CA ILE A 439 -4.43 -46.66 -12.92
C ILE A 439 -5.68 -46.34 -13.75
N PHE A 440 -6.09 -47.28 -14.62
CA PHE A 440 -7.42 -47.19 -15.32
C PHE A 440 -8.63 -47.46 -14.40
N VAL A 441 -9.72 -46.75 -14.67
CA VAL A 441 -11.00 -46.93 -13.96
C VAL A 441 -12.05 -47.31 -14.99
N ASP A 442 -12.75 -48.41 -14.74
CA ASP A 442 -13.80 -48.90 -15.66
C ASP A 442 -15.21 -48.38 -15.30
N HIS A 443 -15.68 -47.36 -16.03
CA HIS A 443 -17.02 -46.79 -15.80
C HIS A 443 -18.15 -47.75 -16.24
N ASN A 444 -17.82 -48.65 -17.17
CA ASN A 444 -18.69 -49.74 -17.59
C ASN A 444 -18.62 -51.00 -16.74
N ASP A 445 -17.64 -51.11 -15.85
CA ASP A 445 -17.62 -52.25 -14.90
C ASP A 445 -17.45 -51.84 -13.44
N ASN A 446 -18.42 -51.06 -12.94
CA ASN A 446 -18.51 -50.73 -11.52
C ASN A 446 -17.18 -50.09 -10.96
N LEU A 447 -16.60 -49.19 -11.76
CA LEU A 447 -15.39 -48.40 -11.40
C LEU A 447 -14.20 -49.24 -10.97
N LYS A 448 -14.03 -50.40 -11.56
CA LYS A 448 -12.90 -51.25 -11.25
C LYS A 448 -11.58 -50.71 -11.78
N ARG A 449 -10.54 -50.96 -11.01
CA ARG A 449 -9.21 -50.49 -11.29
C ARG A 449 -8.36 -51.48 -12.04
N LYS A 450 -7.61 -51.00 -13.02
CA LYS A 450 -6.69 -51.84 -13.76
C LYS A 450 -5.42 -51.09 -13.98
N LYS A 451 -4.29 -51.76 -13.86
CA LYS A 451 -2.99 -51.14 -14.17
C LYS A 451 -2.85 -50.93 -15.67
N LYS A 452 -2.37 -49.77 -16.07
CA LYS A 452 -2.09 -49.51 -17.46
C LYS A 452 -0.65 -49.85 -17.76
N LEU A 453 -0.31 -49.80 -19.03
CA LEU A 453 1.08 -49.91 -19.44
C LEU A 453 2.00 -48.96 -18.68
N SER A 454 1.61 -47.69 -18.58
CA SER A 454 2.38 -46.65 -17.87
C SER A 454 2.70 -46.98 -16.39
N PHE A 455 1.77 -47.64 -15.72
CA PHE A 455 1.95 -48.10 -14.33
C PHE A 455 3.19 -48.96 -14.18
N HIS A 456 3.33 -49.97 -15.04
CA HIS A 456 4.53 -50.87 -15.02
C HIS A 456 5.78 -50.06 -15.44
N TRP A 457 5.67 -49.20 -16.43
CA TRP A 457 6.82 -48.44 -16.87
C TRP A 457 7.35 -47.54 -15.71
N TYR A 458 6.46 -46.83 -15.04
CA TYR A 458 6.85 -45.86 -13.99
C TYR A 458 7.46 -46.58 -12.80
N LYS A 459 6.91 -47.74 -12.43
CA LYS A 459 7.54 -48.63 -11.43
C LYS A 459 9.04 -48.84 -11.69
N ARG A 460 9.36 -49.14 -12.93
CA ARG A 460 10.71 -49.37 -13.38
C ARG A 460 11.58 -48.14 -13.31
N VAL A 461 11.04 -47.00 -13.68
CA VAL A 461 11.72 -45.70 -13.57
C VAL A 461 12.12 -45.36 -12.16
N VAL A 462 11.20 -45.55 -11.20
CA VAL A 462 11.46 -45.35 -9.78
C VAL A 462 12.44 -46.39 -9.23
N GLU A 463 12.19 -47.67 -9.47
CA GLU A 463 13.17 -48.71 -9.14
C GLU A 463 14.58 -48.42 -9.63
N THR A 464 14.72 -47.93 -10.84
CA THR A 464 16.03 -47.55 -11.38
C THR A 464 16.46 -46.10 -11.08
N ARG A 465 15.59 -45.35 -10.40
CA ARG A 465 15.78 -43.92 -10.15
C ARG A 465 16.15 -43.13 -11.40
N GLY A 466 15.56 -43.50 -12.54
CA GLY A 466 15.75 -42.76 -13.76
C GLY A 466 17.05 -42.91 -14.53
N GLU A 467 17.71 -44.08 -14.49
CA GLU A 467 18.65 -44.40 -15.61
C GLU A 467 17.96 -44.87 -16.92
N GLU A 468 17.59 -43.89 -17.75
CA GLU A 468 16.94 -44.10 -19.08
C GLU A 468 17.61 -43.37 -20.26
N LEU A 469 18.81 -42.82 -20.02
CA LEU A 469 19.68 -42.20 -21.06
C LEU A 469 19.02 -41.00 -21.74
N MET B 1 0.71 34.84 37.69
CA MET B 1 1.58 34.15 36.70
C MET B 1 1.04 32.73 36.35
N LYS B 2 -0.19 32.67 35.86
CA LYS B 2 -0.89 31.42 35.57
C LYS B 2 -0.39 30.45 34.49
N PHE B 3 -0.04 30.93 33.31
CA PHE B 3 0.55 30.10 32.28
C PHE B 3 1.89 29.72 32.84
N PRO B 4 2.23 28.47 32.73
CA PRO B 4 3.46 27.94 33.28
C PRO B 4 4.72 28.31 32.54
N HIS B 5 5.81 28.08 33.24
CA HIS B 5 7.17 28.34 32.79
C HIS B 5 7.70 27.44 31.71
N ASP B 6 7.03 26.33 31.47
CA ASP B 6 7.36 25.44 30.37
C ASP B 6 6.52 25.74 29.14
N PHE B 7 5.81 26.87 29.15
CA PHE B 7 5.00 27.36 28.06
C PHE B 7 5.69 28.59 27.56
N LEU B 8 5.88 28.70 26.27
CA LEU B 8 6.55 29.81 25.68
C LEU B 8 5.62 30.74 24.99
N PHE B 9 5.74 32.00 25.31
CA PHE B 9 5.02 33.08 24.61
C PHE B 9 5.94 33.56 23.50
N GLY B 10 5.43 33.49 22.27
CA GLY B 10 6.25 33.84 21.12
C GLY B 10 5.57 34.64 20.03
N ALA B 11 6.32 34.82 18.97
CA ALA B 11 5.81 35.41 17.76
C ALA B 11 6.66 34.91 16.59
N ALA B 12 6.08 34.99 15.39
CA ALA B 12 6.54 34.24 14.23
C ALA B 12 6.77 35.11 12.98
N SER B 13 7.59 34.59 12.08
CA SER B 13 7.93 35.10 10.77
C SER B 13 8.16 33.92 9.79
N ALA B 14 8.17 34.21 8.50
CA ALA B 14 8.47 33.26 7.45
C ALA B 14 9.52 33.93 6.57
N SER B 15 10.50 33.21 6.06
CA SER B 15 11.59 33.84 5.32
C SER B 15 11.30 34.62 4.05
N TYR B 16 10.48 34.11 3.18
CA TYR B 16 10.05 34.82 1.98
C TYR B 16 9.24 36.10 2.30
N GLN B 17 8.41 35.98 3.32
CA GLN B 17 7.63 37.08 3.82
C GLN B 17 8.42 38.21 4.50
N VAL B 18 9.51 37.89 5.19
CA VAL B 18 10.27 38.90 5.87
C VAL B 18 11.66 39.24 5.43
N GLU B 19 12.39 38.28 4.91
CA GLU B 19 13.78 38.50 4.61
C GLU B 19 14.23 39.51 3.59
N GLY B 20 13.65 39.49 2.42
CA GLY B 20 14.17 40.30 1.35
C GLY B 20 15.47 39.67 0.86
N ALA B 21 16.39 40.49 0.37
CA ALA B 21 17.72 40.04 -0.15
C ALA B 21 17.62 38.73 -0.97
N TRP B 22 16.63 38.71 -1.85
CA TRP B 22 16.29 37.53 -2.66
C TRP B 22 17.46 37.01 -3.51
N ASN B 23 18.36 37.91 -3.91
CA ASN B 23 19.49 37.59 -4.78
C ASN B 23 20.86 37.72 -4.14
N GLU B 24 20.94 37.97 -2.83
CA GLU B 24 22.24 38.19 -2.19
C GLU B 24 22.94 36.96 -1.61
N ASP B 25 24.23 37.17 -1.33
CA ASP B 25 25.09 36.21 -0.64
C ASP B 25 24.85 34.76 -1.03
N GLY B 26 24.79 34.51 -2.33
CA GLY B 26 24.77 33.15 -2.88
C GLY B 26 23.42 32.46 -2.89
N LYS B 27 22.35 33.18 -2.52
CA LYS B 27 21.01 32.59 -2.50
C LYS B 27 20.50 32.22 -3.89
N GLY B 28 19.94 31.02 -4.00
CA GLY B 28 19.36 30.54 -5.24
C GLY B 28 17.96 31.11 -5.39
N VAL B 29 17.51 31.21 -6.64
CA VAL B 29 16.14 31.58 -6.96
C VAL B 29 15.16 30.47 -6.49
N THR B 30 14.01 30.87 -5.99
CA THR B 30 13.01 29.92 -5.55
C THR B 30 11.77 30.04 -6.37
N ASN B 31 10.84 29.16 -6.10
CA ASN B 31 9.58 29.20 -6.77
C ASN B 31 8.82 30.52 -6.60
N TRP B 32 8.86 31.13 -5.41
CA TRP B 32 8.13 32.36 -5.13
C TRP B 32 8.73 33.56 -5.82
N ASP B 33 10.03 33.63 -5.86
CA ASP B 33 10.75 34.61 -6.64
C ASP B 33 10.29 34.65 -8.09
N GLU B 34 10.12 33.49 -8.72
CA GLU B 34 9.57 33.44 -10.08
C GLU B 34 8.03 33.70 -10.07
N PHE B 35 7.30 32.92 -9.28
CA PHE B 35 5.83 33.02 -9.22
C PHE B 35 5.26 34.44 -8.99
N SER B 36 5.90 35.21 -8.11
CA SER B 36 5.44 36.54 -7.76
C SER B 36 5.57 37.61 -8.88
N LYS B 37 6.15 37.23 -10.02
CA LYS B 37 6.24 38.14 -11.18
C LYS B 37 5.27 37.79 -12.31
N ILE B 38 4.56 36.67 -12.21
CA ILE B 38 3.44 36.42 -13.09
C ILE B 38 2.33 37.39 -12.70
N PRO B 39 1.95 38.30 -13.64
CA PRO B 39 0.80 39.19 -13.40
C PRO B 39 -0.46 38.45 -12.97
N GLY B 40 -1.11 38.98 -11.93
CA GLY B 40 -2.35 38.42 -11.39
C GLY B 40 -2.18 37.42 -10.26
N LYS B 41 -0.94 37.03 -9.98
CA LYS B 41 -0.70 36.02 -8.96
C LYS B 41 -0.66 36.65 -7.59
N THR B 42 0.09 37.75 -7.42
CA THR B 42 0.19 38.43 -6.10
C THR B 42 -0.56 39.77 -6.10
N TYR B 43 -1.04 40.19 -4.94
CA TYR B 43 -1.84 41.41 -4.85
C TYR B 43 -1.04 42.66 -5.20
N ASN B 44 -1.47 43.35 -6.24
CA ASN B 44 -0.79 44.56 -6.71
C ASN B 44 0.67 44.32 -7.16
N GLY B 45 0.96 43.10 -7.59
CA GLY B 45 2.29 42.75 -8.06
C GLY B 45 3.31 42.81 -6.97
N THR B 46 2.88 42.53 -5.74
CA THR B 46 3.77 42.55 -4.57
C THR B 46 4.70 41.35 -4.51
N ASN B 47 5.78 41.56 -3.80
CA ASN B 47 7.02 40.84 -3.93
C ASN B 47 7.78 40.66 -2.64
N GLY B 48 8.50 39.54 -2.57
CA GLY B 48 9.51 39.38 -1.58
C GLY B 48 10.91 39.78 -1.95
N ASP B 49 11.12 40.55 -3.02
CA ASP B 49 12.51 40.93 -3.40
C ASP B 49 13.24 41.62 -2.26
N ILE B 50 12.58 42.65 -1.74
CA ILE B 50 13.02 43.37 -0.54
C ILE B 50 12.20 42.94 0.71
N ALA B 51 10.92 42.66 0.54
CA ALA B 51 10.05 42.30 1.65
C ALA B 51 10.12 43.41 2.66
N VAL B 52 10.38 43.10 3.92
CA VAL B 52 10.54 44.16 4.92
C VAL B 52 11.99 44.34 5.32
N ASP B 53 12.88 43.73 4.57
CA ASP B 53 14.34 43.79 4.72
C ASP B 53 14.91 43.30 6.03
N HIS B 54 14.33 42.26 6.57
CA HIS B 54 14.75 41.64 7.85
C HIS B 54 16.11 41.01 7.75
N TYR B 55 16.49 40.57 6.56
CA TYR B 55 17.88 40.07 6.29
C TYR B 55 18.96 41.08 6.73
N HIS B 56 18.74 42.34 6.42
CA HIS B 56 19.72 43.41 6.73
C HIS B 56 19.54 44.05 8.11
N ARG B 57 18.36 43.95 8.69
CA ARG B 57 18.09 44.58 9.98
C ARG B 57 17.69 43.57 11.02
N TYR B 58 18.23 42.37 10.90
CA TYR B 58 17.88 41.28 11.82
C TYR B 58 18.31 41.61 13.28
N LYS B 59 19.48 42.22 13.48
CA LYS B 59 19.93 42.65 14.81
C LYS B 59 18.95 43.64 15.46
N GLU B 60 18.46 44.58 14.68
CA GLU B 60 17.47 45.53 15.14
C GLU B 60 16.15 44.86 15.55
N ASP B 61 15.69 43.95 14.72
CA ASP B 61 14.40 43.32 14.94
C ASP B 61 14.42 42.39 16.14
N VAL B 62 15.53 41.69 16.34
CA VAL B 62 15.76 40.85 17.53
C VAL B 62 15.92 41.69 18.83
N ARG B 63 16.46 42.89 18.72
CA ARG B 63 16.54 43.77 19.86
C ARG B 63 15.15 44.18 20.28
N LEU B 64 14.30 44.42 19.31
CA LEU B 64 12.95 44.81 19.52
C LEU B 64 12.17 43.72 20.19
N MET B 65 12.39 42.51 19.75
CA MET B 65 11.75 41.33 20.33
C MET B 65 12.13 41.15 21.81
N ALA B 66 13.42 41.28 22.11
CA ALA B 66 13.93 41.36 23.47
C ALA B 66 13.26 42.50 24.24
N GLU B 67 13.21 43.72 23.70
CA GLU B 67 12.49 44.80 24.36
C GLU B 67 10.98 44.48 24.65
N MET B 68 10.42 43.58 23.85
CA MET B 68 9.03 43.11 24.03
C MET B 68 8.90 41.99 25.07
N GLY B 69 10.01 41.56 25.67
CA GLY B 69 10.08 40.39 26.54
C GLY B 69 9.72 39.08 25.85
N LEU B 70 9.95 39.00 24.55
CA LEU B 70 9.58 37.79 23.81
C LEU B 70 10.41 36.60 24.30
N GLU B 71 9.74 35.47 24.47
CA GLU B 71 10.39 34.27 25.01
C GLU B 71 10.88 33.38 23.92
N SER B 72 10.20 33.40 22.78
CA SER B 72 10.58 32.55 21.68
C SER B 72 10.21 33.15 20.33
N TYR B 73 11.13 32.99 19.39
CA TYR B 73 10.96 33.48 18.06
C TYR B 73 10.96 32.30 17.11
N ARG B 74 9.87 32.23 16.37
CA ARG B 74 9.65 31.25 15.35
C ARG B 74 9.97 31.88 14.03
N PHE B 75 11.00 31.39 13.38
CA PHE B 75 11.33 31.82 12.01
C PHE B 75 11.54 30.61 11.11
N SER B 76 11.54 30.84 9.81
CA SER B 76 11.91 29.80 8.86
C SER B 76 13.33 30.04 8.27
N ILE B 77 14.04 28.94 8.00
CA ILE B 77 15.24 28.93 7.18
C ILE B 77 14.75 28.83 5.71
N SER B 78 15.45 29.56 4.83
CA SER B 78 15.21 29.57 3.38
C SER B 78 16.20 28.57 2.83
N TRP B 79 15.67 27.44 2.38
CA TRP B 79 16.43 26.31 1.84
C TRP B 79 17.43 26.80 0.77
N ALA B 80 16.98 27.73 -0.05
CA ALA B 80 17.82 28.32 -1.07
C ALA B 80 18.99 29.18 -0.56
N ARG B 81 19.04 29.52 0.72
CA ARG B 81 20.28 30.10 1.32
C ARG B 81 21.27 29.02 1.71
N ILE B 82 20.79 27.87 2.13
CA ILE B 82 21.66 26.80 2.61
C ILE B 82 22.18 25.97 1.44
N LEU B 83 21.22 25.49 0.63
CA LEU B 83 21.46 24.68 -0.55
C LEU B 83 20.70 25.31 -1.71
N PRO B 84 21.39 26.21 -2.47
CA PRO B 84 20.82 27.06 -3.53
C PRO B 84 20.03 26.35 -4.64
N THR B 85 20.55 25.25 -5.12
CA THR B 85 19.85 24.46 -6.09
C THR B 85 19.06 23.33 -5.44
N GLY B 86 19.00 23.28 -4.12
CA GLY B 86 18.23 22.29 -3.39
C GLY B 86 19.01 21.04 -3.00
N ASP B 87 20.05 20.80 -3.74
CA ASP B 87 21.02 19.76 -3.49
C ASP B 87 22.40 20.35 -3.81
N GLY B 88 23.38 19.49 -3.87
CA GLY B 88 24.70 19.96 -4.18
C GLY B 88 25.33 20.68 -3.03
N LYS B 89 26.18 21.62 -3.35
CA LYS B 89 26.97 22.34 -2.39
C LYS B 89 26.19 23.18 -1.45
N VAL B 90 26.80 23.35 -0.30
CA VAL B 90 26.26 24.13 0.79
C VAL B 90 26.75 25.55 0.65
N ASN B 91 25.85 26.52 0.75
CA ASN B 91 26.25 27.92 0.74
C ASN B 91 26.62 28.40 2.15
N GLU B 92 27.90 28.54 2.40
CA GLU B 92 28.38 28.93 3.71
C GLU B 92 27.95 30.29 4.17
N LYS B 93 27.74 31.19 3.23
CA LYS B 93 27.26 32.53 3.57
C LYS B 93 25.81 32.50 4.12
N GLY B 94 24.99 31.56 3.67
CA GLY B 94 23.66 31.37 4.23
C GLY B 94 23.69 30.74 5.63
N ILE B 95 24.65 29.85 5.88
CA ILE B 95 24.84 29.26 7.21
C ILE B 95 25.30 30.30 8.25
N GLU B 96 26.10 31.24 7.79
CA GLU B 96 26.61 32.35 8.59
C GLU B 96 25.39 33.16 9.06
N PHE B 97 24.49 33.41 8.13
CA PHE B 97 23.39 34.31 8.38
C PHE B 97 22.45 33.75 9.47
N TYR B 98 22.12 32.49 9.39
CA TYR B 98 21.24 31.90 10.36
C TYR B 98 21.94 31.63 11.68
N ASN B 99 23.25 31.52 11.67
CA ASN B 99 24.01 31.36 12.88
C ASN B 99 23.96 32.65 13.65
N ASN B 100 24.01 33.77 12.96
CA ASN B 100 23.93 35.08 13.52
C ASN B 100 22.56 35.39 14.08
N LEU B 101 21.52 35.04 13.36
CA LEU B 101 20.14 35.19 13.79
C LEU B 101 19.88 34.37 15.04
N ILE B 102 20.26 33.09 14.97
CA ILE B 102 20.17 32.17 16.10
C ILE B 102 20.93 32.74 17.30
N ASP B 103 22.20 33.17 17.09
CA ASP B 103 23.06 33.66 18.19
C ASP B 103 22.54 34.95 18.82
N GLU B 104 21.92 35.80 18.01
CA GLU B 104 21.34 37.03 18.50
C GLU B 104 20.14 36.79 19.35
N CYS B 105 19.26 35.88 18.94
CA CYS B 105 18.11 35.52 19.73
C CYS B 105 18.58 35.03 21.08
N LEU B 106 19.57 34.16 21.06
CA LEU B 106 20.14 33.56 22.23
C LEU B 106 20.78 34.54 23.19
N LYS B 107 21.39 35.58 22.67
CA LYS B 107 21.97 36.67 23.51
C LYS B 107 20.96 37.11 24.52
N TYR B 108 19.76 37.39 24.06
CA TYR B 108 18.67 37.84 24.93
C TYR B 108 17.82 36.74 25.59
N GLY B 109 18.26 35.47 25.53
CA GLY B 109 17.47 34.35 26.01
C GLY B 109 16.24 33.92 25.18
N ILE B 110 16.08 34.47 23.98
CA ILE B 110 14.92 34.17 23.12
C ILE B 110 15.17 32.81 22.46
N VAL B 111 14.23 31.89 22.68
CA VAL B 111 14.32 30.53 22.18
C VAL B 111 13.96 30.42 20.70
N PRO B 112 14.94 30.04 19.85
CA PRO B 112 14.62 29.79 18.47
C PRO B 112 13.74 28.56 18.31
N PHE B 113 12.65 28.65 17.53
CA PHE B 113 11.81 27.51 17.13
C PHE B 113 11.92 27.69 15.61
N VAL B 114 12.47 26.73 14.88
CA VAL B 114 12.88 26.93 13.47
C VAL B 114 12.12 26.05 12.50
N THR B 115 11.35 26.67 11.61
CA THR B 115 10.67 25.98 10.54
C THR B 115 11.67 25.77 9.40
N LEU B 116 11.73 24.56 8.88
CA LEU B 116 12.63 24.20 7.76
C LEU B 116 11.99 24.53 6.41
N TYR B 117 10.70 24.23 6.26
CA TYR B 117 10.01 24.51 5.00
C TYR B 117 8.75 25.33 5.19
N HIS B 118 8.89 26.65 4.92
CA HIS B 118 7.77 27.60 4.88
C HIS B 118 7.53 28.05 3.42
N TRP B 119 7.24 27.06 2.57
CA TRP B 119 6.77 27.22 1.16
C TRP B 119 7.79 27.71 0.08
N ASP B 120 9.00 28.10 0.47
CA ASP B 120 9.98 28.67 -0.46
C ASP B 120 10.97 27.58 -0.96
N LEU B 121 10.49 26.83 -1.96
CA LEU B 121 11.23 25.81 -2.68
C LEU B 121 12.29 26.33 -3.68
N PRO B 122 13.54 25.83 -3.58
CA PRO B 122 14.52 26.18 -4.63
C PRO B 122 14.05 25.75 -6.01
N LEU B 123 14.29 26.61 -7.01
CA LEU B 123 13.59 26.53 -8.29
C LEU B 123 13.78 25.21 -9.05
N PRO B 124 14.99 24.63 -9.03
CA PRO B 124 15.18 23.32 -9.73
C PRO B 124 14.20 22.25 -9.28
N LEU B 125 13.98 22.21 -7.96
CA LEU B 125 13.11 21.22 -7.33
C LEU B 125 11.68 21.45 -7.79
N GLU B 126 11.29 22.70 -8.02
CA GLU B 126 9.95 22.91 -8.65
C GLU B 126 9.87 22.24 -10.02
N LYS B 127 10.89 22.46 -10.80
CA LYS B 127 11.05 21.95 -12.13
C LYS B 127 11.08 20.44 -12.14
N ASP B 128 11.69 19.84 -11.13
CA ASP B 128 11.63 18.39 -10.99
C ASP B 128 10.20 17.84 -10.77
N GLY B 129 9.20 18.69 -10.54
CA GLY B 129 7.86 18.23 -10.12
C GLY B 129 7.55 18.54 -8.66
N GLY B 130 8.43 19.27 -7.99
CA GLY B 130 8.23 19.70 -6.62
C GLY B 130 7.89 18.51 -5.75
N TRP B 131 6.84 18.69 -4.95
CA TRP B 131 6.40 17.64 -4.05
C TRP B 131 5.70 16.47 -4.73
N THR B 132 5.45 16.55 -6.06
CA THR B 132 4.96 15.35 -6.76
C THR B 132 6.06 14.31 -7.07
N ASN B 133 7.31 14.65 -6.81
CA ASN B 133 8.45 13.80 -7.05
C ASN B 133 9.14 13.44 -5.75
N LYS B 134 9.27 12.16 -5.47
CA LYS B 134 9.94 11.68 -4.27
C LYS B 134 11.39 12.25 -4.07
N ARG B 135 12.07 12.55 -5.15
CA ARG B 135 13.40 13.22 -5.10
C ARG B 135 13.44 14.51 -4.25
N THR B 136 12.37 15.29 -4.29
CA THR B 136 12.24 16.50 -3.48
C THR B 136 12.17 16.17 -1.98
N ALA B 137 11.56 15.03 -1.66
CA ALA B 137 11.48 14.53 -0.30
C ALA B 137 12.84 14.09 0.18
N GLU B 138 13.55 13.31 -0.64
CA GLU B 138 14.95 12.95 -0.30
C GLU B 138 15.84 14.17 -0.22
N ALA B 139 15.64 15.14 -1.12
CA ALA B 139 16.38 16.44 -1.08
C ALA B 139 16.15 17.14 0.24
N PHE B 140 14.88 17.22 0.64
CA PHE B 140 14.48 17.81 1.92
C PHE B 140 15.18 17.18 3.12
N VAL B 141 15.26 15.88 3.15
CA VAL B 141 15.92 15.22 4.24
C VAL B 141 17.37 15.62 4.32
N LYS B 142 18.02 15.79 3.19
CA LYS B 142 19.44 16.15 3.19
C LYS B 142 19.64 17.58 3.66
N TYR B 143 18.80 18.48 3.16
CA TYR B 143 18.72 19.85 3.68
C TYR B 143 18.54 19.92 5.21
N ALA B 144 17.61 19.13 5.74
CA ALA B 144 17.29 19.21 7.14
C ALA B 144 18.43 18.69 7.97
N GLU B 145 18.98 17.59 7.49
CA GLU B 145 20.19 17.04 8.07
C GLU B 145 21.32 18.06 8.09
N THR B 146 21.43 18.85 7.03
CA THR B 146 22.42 19.93 7.01
C THR B 146 22.16 20.97 8.07
N CYS B 147 20.90 21.36 8.22
CA CYS B 147 20.53 22.35 9.24
C CYS B 147 20.79 21.82 10.67
N PHE B 148 20.48 20.55 10.89
CA PHE B 148 20.73 19.94 12.18
C PHE B 148 22.22 19.97 12.52
N LYS B 149 23.09 19.58 11.57
CA LYS B 149 24.55 19.56 11.80
C LYS B 149 25.12 20.94 12.01
N ALA B 150 24.60 21.93 11.31
CA ALA B 150 25.04 23.32 11.44
C ALA B 150 24.51 24.10 12.68
N PHE B 151 23.25 23.84 13.04
CA PHE B 151 22.51 24.70 13.97
C PHE B 151 21.97 24.01 15.21
N GLY B 152 22.05 22.69 15.27
CA GLY B 152 21.35 21.88 16.26
C GLY B 152 21.95 21.83 17.66
N ASP B 153 23.19 22.29 17.78
CA ASP B 153 23.84 22.56 19.06
C ASP B 153 23.14 23.64 19.82
N ARG B 154 22.52 24.56 19.09
CA ARG B 154 21.80 25.68 19.65
C ARG B 154 20.28 25.66 19.53
N VAL B 155 19.79 25.17 18.41
CA VAL B 155 18.40 25.03 18.13
C VAL B 155 17.96 23.67 18.60
N LYS B 156 16.97 23.71 19.50
CA LYS B 156 16.38 22.52 20.14
C LYS B 156 14.87 22.39 19.94
N HIS B 157 14.30 23.21 19.06
CA HIS B 157 12.89 23.13 18.74
C HIS B 157 12.82 23.40 17.25
N TRP B 158 12.39 22.40 16.49
CA TRP B 158 12.38 22.42 15.04
C TRP B 158 11.01 22.11 14.47
N ILE B 159 10.64 22.86 13.44
CA ILE B 159 9.48 22.51 12.64
C ILE B 159 9.93 22.05 11.24
N THR B 160 9.46 20.89 10.81
CA THR B 160 9.80 20.35 9.51
C THR B 160 9.05 21.20 8.46
N PHE B 161 7.74 20.99 8.34
CA PHE B 161 6.86 21.68 7.40
C PHE B 161 5.80 22.57 8.04
N ASN B 162 5.44 23.60 7.29
CA ASN B 162 4.42 24.51 7.67
C ASN B 162 3.22 24.44 6.72
N ALA B 163 2.08 24.23 7.30
CA ALA B 163 0.84 24.25 6.58
C ALA B 163 0.87 23.59 5.25
N THR B 164 1.06 22.29 5.25
CA THR B 164 1.06 21.51 4.04
C THR B 164 -0.20 21.68 3.19
N VAL B 165 -1.36 21.77 3.82
CA VAL B 165 -2.63 21.97 3.18
C VAL B 165 -2.69 23.19 2.26
N MET B 166 -2.00 24.26 2.60
CA MET B 166 -2.02 25.44 1.77
C MET B 166 -1.13 25.32 0.57
N PHE B 167 0.12 25.01 0.81
CA PHE B 167 1.07 24.86 -0.25
C PHE B 167 0.80 23.66 -1.21
N CYS B 168 0.09 22.64 -0.76
CA CYS B 168 -0.25 21.53 -1.63
C CYS B 168 -1.61 21.82 -2.26
N GLY B 169 -2.58 22.18 -1.44
CA GLY B 169 -3.91 22.63 -1.92
C GLY B 169 -3.90 23.83 -2.87
N LEU B 170 -3.22 24.89 -2.51
CA LEU B 170 -3.15 26.04 -3.37
C LEU B 170 -2.27 25.89 -4.59
N GLY B 171 -1.32 24.98 -4.52
CA GLY B 171 -0.37 24.73 -5.58
C GLY B 171 -0.92 23.87 -6.69
N TYR B 172 -1.79 22.91 -6.31
CA TYR B 172 -2.28 21.86 -7.21
C TYR B 172 -3.81 21.82 -7.46
N LEU B 173 -4.57 22.51 -6.63
CA LEU B 173 -6.01 22.58 -6.78
C LEU B 173 -6.51 23.93 -7.29
N LYS B 174 -6.06 25.02 -6.71
CA LYS B 174 -6.52 26.36 -7.07
C LYS B 174 -5.53 27.18 -7.95
N GLY B 175 -4.26 26.82 -7.95
CA GLY B 175 -3.27 27.54 -8.79
C GLY B 175 -2.87 28.91 -8.24
N ALA B 176 -3.21 29.15 -6.97
CA ALA B 176 -2.91 30.41 -6.32
C ALA B 176 -1.48 30.45 -5.77
N HIS B 177 -0.82 29.32 -5.69
CA HIS B 177 0.58 29.20 -5.19
C HIS B 177 1.40 28.45 -6.28
N PRO B 178 2.74 28.58 -6.29
CA PRO B 178 3.51 27.75 -7.23
C PRO B 178 3.23 26.25 -6.99
N PRO B 179 3.32 25.38 -8.00
CA PRO B 179 3.70 25.71 -9.40
C PRO B 179 2.58 26.29 -10.29
N GLY B 180 1.41 26.55 -9.71
CA GLY B 180 0.30 27.21 -10.42
C GLY B 180 -0.75 26.30 -11.03
N ILE B 181 -0.84 25.06 -10.56
CA ILE B 181 -1.71 24.03 -11.14
C ILE B 181 -3.12 24.05 -10.52
N GLN B 182 -4.10 23.79 -11.39
CA GLN B 182 -5.51 23.81 -11.05
C GLN B 182 -6.17 22.44 -11.28
N ASN B 183 -7.01 22.03 -10.33
CA ASN B 183 -7.83 20.80 -10.43
C ASN B 183 -7.07 19.51 -10.67
N ASP B 184 -5.94 19.37 -10.03
CA ASP B 184 -5.22 18.14 -10.18
C ASP B 184 -5.19 17.52 -8.82
N VAL B 185 -6.24 16.80 -8.49
CA VAL B 185 -6.36 16.16 -7.22
C VAL B 185 -5.31 15.14 -6.98
N PRO B 186 -4.97 14.35 -7.96
CA PRO B 186 -3.97 13.32 -7.79
C PRO B 186 -2.61 13.89 -7.44
N LYS B 187 -2.27 15.01 -8.00
CA LYS B 187 -0.98 15.61 -7.69
C LYS B 187 -0.99 16.22 -6.28
N TYR B 188 -2.14 16.74 -5.91
CA TYR B 188 -2.39 17.30 -4.61
C TYR B 188 -2.22 16.23 -3.60
N PHE B 189 -2.90 15.14 -3.77
CA PHE B 189 -2.77 14.07 -2.84
C PHE B 189 -1.40 13.43 -2.84
N GLN B 190 -0.79 13.30 -3.99
CA GLN B 190 0.55 12.77 -4.08
C GLN B 190 1.55 13.68 -3.40
N ALA B 191 1.37 14.98 -3.54
CA ALA B 191 2.24 15.93 -2.88
C ALA B 191 2.18 15.86 -1.35
N THR B 192 0.99 15.71 -0.81
CA THR B 192 0.82 15.58 0.62
C THR B 192 1.53 14.34 1.17
N HIS B 193 1.44 13.24 0.41
CA HIS B 193 2.14 12.00 0.76
C HIS B 193 3.65 12.15 0.78
N TYR B 194 4.21 12.76 -0.25
CA TYR B 194 5.67 12.88 -0.29
C TYR B 194 6.17 13.81 0.82
N VAL B 195 5.37 14.82 1.17
CA VAL B 195 5.63 15.70 2.29
C VAL B 195 5.61 14.89 3.60
N PHE B 196 4.60 14.06 3.82
CA PHE B 196 4.48 13.33 5.11
C PHE B 196 5.59 12.29 5.22
N TYR B 197 5.98 11.76 4.07
CA TYR B 197 7.14 10.92 3.98
C TYR B 197 8.44 11.67 4.33
N ALA B 198 8.61 12.84 3.74
CA ALA B 198 9.80 13.62 4.03
C ALA B 198 9.85 13.99 5.52
N HIS B 199 8.69 14.31 6.10
CA HIS B 199 8.60 14.63 7.52
C HIS B 199 9.07 13.44 8.39
N ALA B 200 8.45 12.30 8.17
CA ALA B 200 8.72 11.12 8.99
C ALA B 200 10.18 10.67 8.88
N LYS B 201 10.69 10.64 7.65
CA LYS B 201 12.08 10.29 7.43
C LYS B 201 13.00 11.31 8.05
N THR B 202 12.65 12.59 7.95
CA THR B 202 13.43 13.67 8.58
C THR B 202 13.49 13.49 10.11
N VAL B 203 12.35 13.16 10.68
CA VAL B 203 12.23 12.90 12.09
C VAL B 203 13.08 11.71 12.47
N ALA B 204 13.05 10.66 11.67
CA ALA B 204 13.90 9.50 11.96
C ALA B 204 15.39 9.89 12.03
N VAL B 205 15.83 10.66 11.03
CA VAL B 205 17.18 11.21 11.00
C VAL B 205 17.50 12.14 12.19
N TYR B 206 16.59 13.04 12.53
CA TYR B 206 16.85 13.92 13.66
C TYR B 206 17.17 13.13 14.92
N LYS B 207 16.30 12.18 15.24
CA LYS B 207 16.51 11.30 16.39
C LYS B 207 17.82 10.48 16.36
N GLN B 208 18.23 10.00 15.18
CA GLN B 208 19.53 9.32 15.02
C GLN B 208 20.70 10.19 15.27
N LEU B 209 20.48 11.48 15.17
CA LEU B 209 21.45 12.50 15.43
C LEU B 209 21.77 12.73 16.90
N LYS B 210 20.84 12.42 17.80
CA LYS B 210 21.00 12.57 19.27
C LYS B 210 21.35 13.98 19.69
N GLN B 211 20.58 14.94 19.22
CA GLN B 211 20.77 16.33 19.60
C GLN B 211 19.91 16.79 20.77
N TYR B 212 18.92 15.99 21.15
CA TYR B 212 18.08 16.22 22.34
C TYR B 212 17.38 17.56 22.33
N GLY B 213 16.84 17.88 21.15
CA GLY B 213 15.83 18.89 21.02
C GLY B 213 14.57 18.13 20.70
N GLU B 214 13.62 18.88 20.17
CA GLU B 214 12.32 18.36 19.82
C GLU B 214 11.99 18.76 18.37
N ILE B 215 11.19 17.91 17.74
CA ILE B 215 10.85 18.07 16.34
C ILE B 215 9.39 17.69 16.19
N GLY B 216 8.74 18.29 15.20
CA GLY B 216 7.33 18.04 14.90
C GLY B 216 6.97 18.78 13.64
N ILE B 217 5.74 18.57 13.16
CA ILE B 217 5.21 19.27 11.98
C ILE B 217 4.18 20.34 12.40
N THR B 218 4.04 21.37 11.57
CA THR B 218 3.04 22.42 11.77
C THR B 218 2.01 22.33 10.66
N HIS B 219 0.77 22.03 11.07
CA HIS B 219 -0.43 22.11 10.22
C HIS B 219 -1.31 23.33 10.48
N VAL B 220 -1.98 23.75 9.43
CA VAL B 220 -3.19 24.52 9.56
C VAL B 220 -4.19 23.69 10.40
N PHE B 221 -4.80 24.35 11.38
CA PHE B 221 -5.93 23.77 12.11
C PHE B 221 -7.19 24.56 11.73
N LEU B 222 -8.12 23.89 11.08
CA LEU B 222 -9.28 24.50 10.46
C LEU B 222 -10.50 23.59 10.78
N PRO B 223 -10.86 23.52 12.07
CA PRO B 223 -11.99 22.69 12.47
C PRO B 223 -13.25 23.05 11.71
N ALA B 224 -13.95 22.05 11.19
CA ALA B 224 -15.22 22.29 10.50
C ALA B 224 -16.40 21.95 11.40
N TYR B 225 -17.30 22.90 11.60
CA TYR B 225 -18.58 22.62 12.28
C TYR B 225 -19.77 22.59 11.30
N SER B 226 -20.77 21.78 11.66
CA SER B 226 -22.06 21.80 11.01
C SER B 226 -22.76 23.15 11.32
N VAL B 227 -23.33 23.73 10.26
CA VAL B 227 -24.09 24.95 10.37
C VAL B 227 -25.33 24.80 11.28
N ASP B 228 -25.85 23.59 11.44
CA ASP B 228 -27.02 23.33 12.32
C ASP B 228 -27.07 21.84 12.75
N ASP B 229 -28.22 21.40 13.29
CA ASP B 229 -28.47 20.00 13.75
C ASP B 229 -28.83 18.99 12.66
N GLN B 230 -29.08 19.47 11.46
CA GLN B 230 -29.45 18.64 10.34
C GLN B 230 -28.31 17.67 9.99
N LYS B 231 -28.70 16.39 9.84
CA LYS B 231 -27.75 15.27 9.73
C LYS B 231 -26.97 15.34 8.45
N GLU B 232 -27.66 15.66 7.37
CA GLU B 232 -27.02 15.99 6.10
C GLU B 232 -25.86 16.97 6.31
N ASN B 233 -26.08 18.01 7.11
CA ASN B 233 -25.04 19.02 7.38
C ASN B 233 -23.93 18.53 8.33
N ILE B 234 -24.32 17.82 9.38
CA ILE B 234 -23.38 17.12 10.27
C ILE B 234 -22.45 16.14 9.49
N GLN B 235 -23.04 15.47 8.53
CA GLN B 235 -22.33 14.57 7.64
C GLN B 235 -21.31 15.33 6.77
N ALA B 236 -21.69 16.54 6.34
CA ALA B 236 -20.81 17.44 5.56
C ALA B 236 -19.60 17.92 6.39
N ALA B 237 -19.82 18.11 7.68
CA ALA B 237 -18.77 18.45 8.62
C ALA B 237 -17.79 17.28 8.85
N ASN B 238 -18.35 16.11 9.15
CA ASN B 238 -17.56 14.87 9.28
C ASN B 238 -16.61 14.71 8.08
N HIS B 239 -17.15 14.83 6.87
CA HIS B 239 -16.41 14.85 5.60
C HIS B 239 -15.31 15.93 5.46
N ALA B 240 -15.69 17.17 5.75
CA ALA B 240 -14.74 18.28 5.84
C ALA B 240 -13.58 17.96 6.79
N ASN B 241 -13.93 17.61 8.01
CA ASN B 241 -12.94 17.21 9.05
C ASN B 241 -12.02 16.02 8.67
N GLU B 242 -12.58 15.04 7.95
CA GLU B 242 -11.81 13.95 7.37
C GLU B 242 -10.74 14.45 6.39
N TYR B 243 -11.09 15.36 5.48
CA TYR B 243 -10.16 15.81 4.41
C TYR B 243 -9.23 16.90 4.86
N GLU B 244 -9.77 17.80 5.69
CA GLU B 244 -9.05 18.97 6.20
C GLU B 244 -8.25 18.71 7.46
N THR B 245 -8.67 17.78 8.31
CA THR B 245 -7.90 17.50 9.55
C THR B 245 -7.33 16.10 9.54
N TYR B 246 -8.17 15.09 9.38
CA TYR B 246 -7.72 13.69 9.55
C TYR B 246 -6.65 13.22 8.55
N TRP B 247 -6.83 13.55 7.28
CA TRP B 247 -5.84 13.24 6.26
C TRP B 247 -4.45 13.76 6.61
N TYR B 248 -4.42 14.95 7.21
CA TYR B 248 -3.21 15.64 7.64
C TYR B 248 -2.65 15.16 9.00
N TYR B 249 -3.51 15.06 10.02
CA TYR B 249 -3.05 14.77 11.38
C TYR B 249 -2.87 13.26 11.65
N ASP B 250 -3.69 12.39 11.02
CA ASP B 250 -3.55 10.93 11.21
C ASP B 250 -2.19 10.36 10.80
N PRO B 251 -1.70 10.64 9.61
CA PRO B 251 -0.43 10.08 9.21
C PRO B 251 0.67 10.51 10.16
N ILE B 252 0.69 11.76 10.54
CA ILE B 252 1.68 12.21 11.47
C ILE B 252 1.56 11.74 12.92
N LEU B 253 0.40 11.87 13.49
CA LEU B 253 0.21 11.47 14.87
C LEU B 253 -0.16 10.02 15.11
N LYS B 254 -0.83 9.42 14.15
CA LYS B 254 -1.27 8.00 14.24
C LYS B 254 -0.42 6.99 13.43
N GLY B 255 0.20 7.43 12.35
CA GLY B 255 1.02 6.55 11.52
C GLY B 255 0.25 5.85 10.40
N GLU B 256 -0.97 6.27 10.18
CA GLU B 256 -1.80 5.73 9.16
C GLU B 256 -2.68 6.77 8.55
N TYR B 257 -2.98 6.63 7.28
CA TYR B 257 -3.92 7.52 6.65
C TYR B 257 -5.35 7.15 7.09
N PRO B 258 -6.30 8.09 7.01
CA PRO B 258 -7.64 7.83 7.45
C PRO B 258 -8.33 6.97 6.44
N SER B 259 -8.79 5.79 6.84
CA SER B 259 -9.35 4.83 5.89
C SER B 259 -10.60 5.34 5.16
N TYR B 260 -11.39 6.19 5.81
CA TYR B 260 -12.48 6.89 5.12
C TYR B 260 -12.03 7.62 3.85
N VAL B 261 -10.98 8.41 3.92
CA VAL B 261 -10.51 9.15 2.75
C VAL B 261 -9.81 8.26 1.77
N VAL B 262 -9.06 7.31 2.28
CA VAL B 262 -8.36 6.31 1.45
C VAL B 262 -9.37 5.53 0.55
N GLN B 263 -10.46 5.04 1.13
CA GLN B 263 -11.42 4.24 0.38
C GLN B 263 -12.06 5.06 -0.75
N GLN B 264 -12.28 6.35 -0.49
CA GLN B 264 -12.84 7.25 -1.49
C GLN B 264 -11.86 7.59 -2.61
N LEU B 265 -10.58 7.74 -2.29
CA LEU B 265 -9.55 7.86 -3.34
C LEU B 265 -9.45 6.58 -4.18
N LYS B 266 -9.58 5.42 -3.60
CA LYS B 266 -9.52 4.25 -4.44
C LYS B 266 -10.68 4.23 -5.42
N GLU B 267 -11.89 4.47 -4.95
CA GLU B 267 -13.08 4.57 -5.83
C GLU B 267 -12.97 5.59 -6.97
N LYS B 268 -12.24 6.65 -6.75
CA LYS B 268 -12.09 7.68 -7.77
C LYS B 268 -10.86 7.52 -8.59
N GLY B 269 -10.08 6.51 -8.29
CA GLY B 269 -8.77 6.33 -8.93
C GLY B 269 -7.67 7.35 -8.59
N TRP B 270 -7.88 8.16 -7.54
CA TRP B 270 -6.98 9.27 -7.17
C TRP B 270 -5.88 8.86 -6.18
N THR B 271 -5.76 7.60 -5.87
CA THR B 271 -4.77 7.20 -4.88
C THR B 271 -3.34 7.50 -5.28
N PRO B 272 -2.56 7.99 -4.34
CA PRO B 272 -1.17 8.32 -4.59
C PRO B 272 -0.32 7.12 -4.85
N ASN B 273 0.81 7.34 -5.52
CA ASN B 273 1.73 6.28 -5.81
C ASN B 273 2.64 6.04 -4.63
N TRP B 274 2.11 5.42 -3.60
CA TRP B 274 2.86 5.20 -2.42
C TRP B 274 3.34 3.78 -2.35
N THR B 275 4.51 3.61 -1.79
CA THR B 275 5.10 2.30 -1.58
C THR B 275 4.96 1.83 -0.09
N VAL B 276 5.10 0.54 0.12
CA VAL B 276 5.10 -0.03 1.47
C VAL B 276 6.24 0.54 2.32
N GLU B 277 7.41 0.74 1.72
CA GLU B 277 8.57 1.22 2.46
C GLU B 277 8.26 2.59 3.02
N GLU B 278 7.77 3.47 2.14
CA GLU B 278 7.36 4.82 2.53
C GLU B 278 6.31 4.83 3.62
N LEU B 279 5.29 3.96 3.50
CA LEU B 279 4.21 3.93 4.49
C LEU B 279 4.68 3.39 5.84
N GLU B 280 5.68 2.53 5.81
CA GLU B 280 6.29 1.97 7.04
C GLU B 280 7.07 3.01 7.78
N ILE B 281 7.87 3.77 7.05
CA ILE B 281 8.64 4.88 7.63
C ILE B 281 7.71 5.87 8.37
N ILE B 282 6.64 6.29 7.69
CA ILE B 282 5.55 7.10 8.26
C ILE B 282 4.95 6.43 9.50
N LYS B 283 4.61 5.16 9.34
CA LYS B 283 4.00 4.35 10.39
C LYS B 283 4.89 4.29 11.65
N GLN B 284 6.15 3.96 11.47
CA GLN B 284 7.10 3.77 12.58
C GLN B 284 7.47 5.10 13.23
N ASN B 285 7.44 6.20 12.49
CA ASN B 285 7.90 7.51 13.02
C ASN B 285 6.83 8.41 13.59
N ALA B 286 5.57 7.98 13.45
CA ALA B 286 4.45 8.66 14.11
C ALA B 286 4.70 8.87 15.60
N GLU B 287 5.26 7.86 16.26
CA GLU B 287 5.58 7.92 17.69
C GLU B 287 6.81 8.74 18.08
N GLU B 288 7.54 9.27 17.11
CA GLU B 288 8.77 10.01 17.38
C GLU B 288 8.54 11.52 17.45
N ASN B 289 7.41 11.99 16.92
CA ASN B 289 7.04 13.41 16.98
C ASN B 289 6.99 13.83 18.44
N ASP B 290 7.69 14.89 18.78
CA ASP B 290 7.61 15.43 20.13
C ASP B 290 6.34 16.30 20.37
N PHE B 291 5.78 16.86 19.29
CA PHE B 291 4.67 17.79 19.40
C PHE B 291 3.97 17.93 18.06
N ILE B 292 2.78 18.53 18.11
CA ILE B 292 2.09 18.99 16.89
C ILE B 292 1.99 20.49 16.96
N GLY B 293 2.24 21.10 15.81
CA GLY B 293 2.13 22.52 15.64
C GLY B 293 0.80 22.87 15.01
N LEU B 294 0.13 23.88 15.57
CA LEU B 294 -1.13 24.41 15.05
C LEU B 294 -1.01 25.85 14.58
N ASN B 295 -1.36 26.06 13.31
CA ASN B 295 -1.68 27.37 12.77
C ASN B 295 -3.20 27.47 12.73
N TYR B 296 -3.76 28.21 13.69
CA TYR B 296 -5.20 28.33 13.85
C TYR B 296 -5.59 29.80 13.69
N TYR B 297 -6.54 30.05 12.77
CA TYR B 297 -7.15 31.38 12.60
C TYR B 297 -8.67 31.40 12.73
N GLN B 298 -9.30 30.38 12.16
CA GLN B 298 -10.72 30.32 12.05
C GLN B 298 -11.20 28.87 11.92
N PRO B 299 -12.47 28.63 12.21
CA PRO B 299 -13.13 27.39 11.87
C PRO B 299 -13.80 27.56 10.53
N ILE B 300 -14.56 26.57 10.10
CA ILE B 300 -15.46 26.73 8.95
C ILE B 300 -16.80 26.15 9.32
N ARG B 301 -17.80 26.83 8.79
CA ARG B 301 -19.20 26.52 9.01
C ARG B 301 -19.68 25.92 7.70
N VAL B 302 -20.04 24.64 7.72
CA VAL B 302 -20.36 23.95 6.46
C VAL B 302 -21.81 23.47 6.35
N GLU B 303 -22.32 23.56 5.15
CA GLU B 303 -23.56 22.94 4.78
C GLU B 303 -23.24 22.01 3.62
N ARG B 304 -24.03 20.94 3.51
CA ARG B 304 -23.99 20.08 2.33
C ARG B 304 -24.39 20.86 1.03
N TYR B 305 -23.90 20.38 -0.11
CA TYR B 305 -24.10 20.99 -1.45
C TYR B 305 -25.56 21.31 -1.80
N ASP B 306 -26.46 20.40 -1.39
CA ASP B 306 -27.92 20.51 -1.64
C ASP B 306 -28.77 21.10 -0.48
N MET B 307 -28.11 21.74 0.49
CA MET B 307 -28.76 22.32 1.66
C MET B 307 -28.72 23.86 1.65
N ASP B 308 -28.66 24.42 0.46
CA ASP B 308 -28.70 25.85 0.34
C ASP B 308 -30.02 26.27 1.01
N ILE B 309 -31.10 25.73 0.49
CA ILE B 309 -32.47 25.96 0.93
C ILE B 309 -32.79 25.46 2.33
N LYS B 310 -32.22 24.33 2.70
CA LYS B 310 -32.41 23.70 3.99
C LYS B 310 -33.86 23.48 4.30
N LEU B 321 -27.54 34.33 6.98
CA LEU B 321 -26.84 33.12 6.52
C LEU B 321 -26.46 33.18 5.02
N ALA B 322 -25.45 33.99 4.68
CA ALA B 322 -24.98 34.14 3.29
C ALA B 322 -24.25 32.86 2.78
N PRO B 323 -24.11 32.71 1.44
CA PRO B 323 -23.46 31.47 0.93
C PRO B 323 -21.94 31.45 1.12
N GLY B 324 -21.26 30.51 0.48
CA GLY B 324 -19.80 30.48 0.45
C GLY B 324 -19.18 29.49 -0.52
N ASN B 325 -17.89 29.28 -0.40
CA ASN B 325 -17.14 28.48 -1.37
C ASN B 325 -17.45 26.99 -1.30
N PRO B 326 -17.60 26.35 -2.48
CA PRO B 326 -17.77 24.90 -2.51
C PRO B 326 -16.43 24.19 -2.23
N SER B 327 -16.49 22.90 -1.92
CA SER B 327 -15.31 22.09 -1.66
C SER B 327 -14.79 21.45 -2.95
N PHE B 328 -13.52 21.05 -2.98
CA PHE B 328 -12.93 20.48 -4.20
C PHE B 328 -13.69 19.37 -4.89
N ASP B 329 -14.35 18.50 -4.15
CA ASP B 329 -15.17 17.49 -4.74
C ASP B 329 -16.61 17.93 -4.78
N GLY B 330 -16.92 19.17 -4.46
CA GLY B 330 -18.29 19.65 -4.46
C GLY B 330 -19.31 19.06 -3.49
N PHE B 331 -18.90 18.29 -2.51
CA PHE B 331 -19.82 17.70 -1.55
C PHE B 331 -20.43 18.71 -0.60
N TYR B 332 -19.67 19.69 -0.20
CA TYR B 332 -20.15 20.69 0.70
C TYR B 332 -19.65 22.07 0.37
N ARG B 333 -20.22 23.05 1.05
CA ARG B 333 -19.70 24.39 0.93
C ARG B 333 -19.57 24.99 2.33
N THR B 334 -18.63 25.91 2.48
CA THR B 334 -18.55 26.74 3.68
C THR B 334 -19.61 27.81 3.58
N VAL B 335 -19.99 28.40 4.72
CA VAL B 335 -20.85 29.56 4.73
C VAL B 335 -20.44 30.60 5.77
N LYS B 336 -20.88 31.84 5.51
CA LYS B 336 -20.87 32.93 6.51
C LYS B 336 -22.24 33.02 7.16
N MET B 337 -22.32 33.67 8.32
CA MET B 337 -23.56 33.74 9.12
C MET B 337 -23.65 35.07 9.91
N ASP B 338 -24.86 35.65 9.97
CA ASP B 338 -25.14 36.94 10.70
C ASP B 338 -24.56 36.94 12.11
N ASP B 339 -24.84 35.84 12.80
CA ASP B 339 -24.56 35.72 14.23
C ASP B 339 -23.06 35.56 14.60
N LYS B 340 -22.15 35.59 13.61
CA LYS B 340 -20.68 35.50 13.84
C LYS B 340 -19.96 36.76 13.41
N THR B 341 -18.74 36.89 13.93
CA THR B 341 -17.84 38.01 13.65
C THR B 341 -16.77 37.60 12.65
N TYR B 342 -16.39 38.53 11.77
CA TYR B 342 -15.43 38.28 10.70
C TYR B 342 -14.39 39.38 10.67
N THR B 343 -13.25 39.06 10.09
CA THR B 343 -12.21 40.04 9.84
C THR B 343 -12.59 40.82 8.56
N LYS B 344 -11.76 41.78 8.21
CA LYS B 344 -11.90 42.61 7.02
C LYS B 344 -11.70 41.84 5.73
N TRP B 345 -10.91 40.79 5.81
CA TRP B 345 -10.67 39.86 4.70
C TRP B 345 -11.56 38.61 4.73
N GLY B 346 -12.56 38.62 5.61
CA GLY B 346 -13.65 37.66 5.62
C GLY B 346 -13.46 36.41 6.48
N TRP B 347 -12.39 36.34 7.27
CA TRP B 347 -12.14 35.14 8.10
C TRP B 347 -12.91 35.31 9.39
N GLU B 348 -13.53 34.23 9.85
CA GLU B 348 -14.29 34.24 11.08
C GLU B 348 -13.37 34.34 12.30
N ILE B 349 -13.82 35.13 13.29
CA ILE B 349 -13.16 35.25 14.59
C ILE B 349 -14.03 34.46 15.55
N SER B 350 -13.51 33.33 16.03
CA SER B 350 -14.31 32.40 16.84
C SER B 350 -13.47 31.74 17.90
N PRO B 351 -13.43 32.35 19.09
CA PRO B 351 -12.82 31.69 20.24
C PRO B 351 -13.46 30.34 20.64
N GLU B 352 -14.79 30.30 20.70
CA GLU B 352 -15.52 29.08 20.99
C GLU B 352 -15.18 28.02 19.94
N GLY B 353 -15.06 28.47 18.69
CA GLY B 353 -14.55 27.63 17.59
C GLY B 353 -13.19 26.99 17.88
N PHE B 354 -12.24 27.82 18.32
CA PHE B 354 -10.92 27.37 18.71
C PHE B 354 -10.96 26.37 19.87
N LEU B 355 -11.80 26.63 20.89
CA LEU B 355 -11.83 25.78 22.09
C LEU B 355 -12.39 24.40 21.81
N GLU B 356 -13.55 24.34 21.18
CA GLU B 356 -14.10 23.02 20.85
C GLU B 356 -13.18 22.26 19.89
N GLY B 357 -12.57 22.98 18.95
CA GLY B 357 -11.53 22.43 18.09
C GLY B 357 -10.44 21.74 18.87
N LEU B 358 -9.94 22.38 19.89
CA LEU B 358 -8.91 21.82 20.74
C LEU B 358 -9.43 20.57 21.41
N HIS B 359 -10.66 20.58 21.86
CA HIS B 359 -11.27 19.39 22.42
C HIS B 359 -11.37 18.22 21.43
N MET B 360 -11.86 18.51 20.22
CA MET B 360 -11.90 17.52 19.15
C MET B 360 -10.48 16.88 18.96
N LEU B 361 -9.41 17.66 19.07
CA LEU B 361 -8.06 17.17 18.84
C LEU B 361 -7.51 16.34 20.01
N LYS B 362 -7.83 16.67 21.26
CA LYS B 362 -7.41 15.80 22.39
C LYS B 362 -8.19 14.46 22.36
N ALA B 363 -9.43 14.49 21.89
CA ALA B 363 -10.26 13.28 21.79
C ALA B 363 -9.70 12.24 20.81
N ARG B 364 -9.15 12.70 19.70
CA ARG B 364 -8.54 11.81 18.72
C ARG B 364 -7.10 11.48 18.97
N TYR B 365 -6.31 12.49 19.28
CA TYR B 365 -4.86 12.33 19.34
C TYR B 365 -4.31 12.32 20.75
N GLY B 366 -5.19 12.35 21.76
CA GLY B 366 -4.77 12.14 23.16
C GLY B 366 -3.97 13.30 23.72
N ASP B 367 -2.96 13.02 24.56
CA ASP B 367 -2.22 14.07 25.27
C ASP B 367 -1.06 14.67 24.47
N ILE B 368 -1.17 14.71 23.16
CA ILE B 368 -0.08 15.21 22.35
C ILE B 368 0.22 16.63 22.75
N LYS B 369 1.48 16.98 22.69
CA LYS B 369 1.91 18.29 23.07
C LYS B 369 1.62 19.19 21.92
N MET B 370 1.00 20.33 22.22
CA MET B 370 0.51 21.25 21.19
C MET B 370 1.16 22.61 21.34
N TYR B 371 1.79 23.07 20.26
CA TYR B 371 2.20 24.49 20.14
C TYR B 371 1.27 25.15 19.14
N VAL B 372 0.82 26.35 19.46
CA VAL B 372 0.04 27.17 18.51
C VAL B 372 1.08 28.02 17.81
N THR B 373 1.48 27.55 16.64
CA THR B 373 2.65 28.07 15.95
C THR B 373 2.26 29.31 15.13
N GLU B 374 0.96 29.54 14.98
CA GLU B 374 0.44 30.74 14.36
C GLU B 374 -0.97 31.00 14.86
N ASN B 375 -1.21 32.27 15.21
CA ASN B 375 -2.57 32.80 15.41
C ASN B 375 -2.47 34.30 15.46
N GLY B 376 -3.42 34.98 14.83
CA GLY B 376 -3.40 36.42 14.85
C GLY B 376 -4.46 37.03 13.97
N LEU B 377 -4.42 38.36 13.89
CA LEU B 377 -5.43 39.13 13.16
C LEU B 377 -4.76 39.96 12.10
N GLY B 378 -5.29 39.78 10.89
CA GLY B 378 -4.89 40.54 9.72
C GLY B 378 -5.83 41.72 9.67
N ASP B 379 -5.27 42.92 9.57
CA ASP B 379 -6.09 44.15 9.69
C ASP B 379 -5.46 45.32 8.95
N GLU B 380 -6.28 46.30 8.58
CA GLU B 380 -5.77 47.64 8.25
C GLU B 380 -5.70 48.42 9.59
N ASP B 381 -4.54 48.47 10.19
CA ASP B 381 -4.43 49.07 11.50
C ASP B 381 -4.81 50.51 11.62
N PRO B 382 -5.64 50.84 12.60
CA PRO B 382 -5.89 52.24 12.87
C PRO B 382 -4.58 52.99 13.16
N ILE B 383 -4.37 54.12 12.49
CA ILE B 383 -3.23 55.00 12.79
C ILE B 383 -3.80 56.35 13.23
N ILE B 384 -3.27 56.89 14.32
CA ILE B 384 -3.69 58.18 14.89
C ILE B 384 -2.42 58.91 15.32
N ASP B 385 -2.16 60.08 14.74
CA ASP B 385 -0.94 60.89 15.04
C ASP B 385 0.34 60.10 14.88
N GLY B 386 0.38 59.31 13.84
CA GLY B 386 1.54 58.48 13.58
C GLY B 386 1.74 57.36 14.58
N GLU B 387 0.69 56.94 15.27
CA GLU B 387 0.77 55.84 16.23
C GLU B 387 -0.17 54.77 15.75
N ILE B 388 0.24 53.52 15.82
CA ILE B 388 -0.57 52.39 15.41
C ILE B 388 -1.23 51.89 16.68
N VAL B 389 -2.52 52.19 16.80
CA VAL B 389 -3.37 51.80 17.93
C VAL B 389 -4.24 50.63 17.52
N ASP B 390 -3.59 49.49 17.40
CA ASP B 390 -4.21 48.24 16.92
C ASP B 390 -4.95 47.49 18.04
N VAL B 391 -6.02 48.08 18.50
CA VAL B 391 -6.85 47.49 19.51
C VAL B 391 -7.48 46.21 19.03
N PRO B 392 -7.93 46.14 17.77
CA PRO B 392 -8.59 44.91 17.28
C PRO B 392 -7.70 43.68 17.44
N ARG B 393 -6.43 43.84 17.09
CA ARG B 393 -5.41 42.80 17.23
C ARG B 393 -5.23 42.33 18.68
N ILE B 394 -5.10 43.28 19.61
CA ILE B 394 -5.08 43.00 21.05
C ILE B 394 -6.31 42.15 21.44
N LYS B 395 -7.49 42.59 21.04
CA LYS B 395 -8.74 41.90 21.37
C LYS B 395 -8.79 40.48 20.81
N PHE B 396 -8.22 40.30 19.62
CA PHE B 396 -8.14 38.97 18.97
C PHE B 396 -7.22 38.04 19.78
N ILE B 397 -6.00 38.51 20.00
CA ILE B 397 -5.00 37.75 20.73
C ILE B 397 -5.48 37.46 22.17
N GLU B 398 -6.02 38.47 22.86
CA GLU B 398 -6.64 38.30 24.18
C GLU B 398 -7.68 37.18 24.24
N ALA B 399 -8.57 37.16 23.26
CA ALA B 399 -9.67 36.19 23.22
C ALA B 399 -9.13 34.78 22.98
N HIS B 400 -8.14 34.69 22.10
CA HIS B 400 -7.54 33.40 21.81
C HIS B 400 -6.64 32.92 22.96
N LEU B 401 -5.94 33.83 23.62
CA LEU B 401 -5.16 33.48 24.80
C LEU B 401 -6.01 33.02 25.95
N LYS B 402 -7.16 33.64 26.18
CA LYS B 402 -8.10 33.21 27.24
C LYS B 402 -8.62 31.80 27.02
N VAL B 403 -8.91 31.42 25.77
CA VAL B 403 -9.34 30.05 25.49
C VAL B 403 -8.22 29.05 25.66
N MET B 404 -7.00 29.44 25.36
CA MET B 404 -5.87 28.59 25.69
C MET B 404 -5.70 28.35 27.17
N LYS B 405 -5.90 29.37 27.98
CA LYS B 405 -5.81 29.25 29.40
C LYS B 405 -6.86 28.30 29.92
N ARG B 406 -8.03 28.38 29.35
CA ARG B 406 -9.11 27.51 29.69
C ARG B 406 -8.83 26.08 29.28
N ALA B 407 -8.27 25.88 28.09
CA ALA B 407 -7.93 24.53 27.58
C ALA B 407 -6.92 23.84 28.48
N ILE B 408 -5.88 24.60 28.86
CA ILE B 408 -4.89 24.18 29.83
C ILE B 408 -5.55 23.84 31.16
N GLU B 409 -6.37 24.75 31.69
CA GLU B 409 -7.15 24.41 32.90
C GLU B 409 -7.94 23.10 32.75
N GLU B 410 -8.43 22.80 31.55
CA GLU B 410 -9.12 21.54 31.25
C GLU B 410 -8.21 20.38 30.86
N GLY B 411 -6.92 20.48 31.17
CA GLY B 411 -5.94 19.44 30.82
C GLY B 411 -5.58 19.19 29.36
N ILE B 412 -5.58 20.23 28.53
CA ILE B 412 -5.03 20.10 27.18
C ILE B 412 -3.56 20.54 27.21
N ASN B 413 -2.70 19.78 26.52
CA ASN B 413 -1.25 19.87 26.68
C ASN B 413 -0.65 20.91 25.74
N LEU B 414 -0.92 22.18 26.07
CA LEU B 414 -0.58 23.31 25.25
C LEU B 414 0.65 23.97 25.84
N LYS B 415 1.75 23.98 25.10
CA LYS B 415 3.02 24.44 25.66
C LYS B 415 3.69 25.57 24.93
N GLY B 416 2.94 26.26 24.08
CA GLY B 416 3.40 27.53 23.57
C GLY B 416 2.39 28.21 22.71
N TYR B 417 2.65 29.50 22.47
CA TYR B 417 1.75 30.38 21.67
C TYR B 417 2.59 31.37 20.88
N TYR B 418 2.48 31.29 19.57
CA TYR B 418 3.25 32.12 18.66
C TYR B 418 2.28 32.97 17.85
N ALA B 419 2.25 34.25 18.14
CA ALA B 419 1.37 35.15 17.46
C ALA B 419 1.81 35.36 16.04
N TRP B 420 0.88 35.33 15.11
CA TRP B 420 1.27 35.52 13.75
C TRP B 420 1.52 36.96 13.47
N SER B 421 2.80 37.11 13.25
CA SER B 421 3.56 38.22 12.87
C SER B 421 4.17 38.97 14.00
N VAL B 422 5.44 38.72 14.21
CA VAL B 422 6.20 39.48 15.16
C VAL B 422 6.35 40.91 14.63
N ILE B 423 6.48 41.03 13.32
CA ILE B 423 6.68 42.24 12.57
C ILE B 423 5.79 42.18 11.33
N ASP B 424 5.42 43.32 10.81
CA ASP B 424 4.65 43.38 9.61
C ASP B 424 5.48 42.84 8.49
N LEU B 425 4.85 42.05 7.64
CA LEU B 425 5.47 41.39 6.54
C LEU B 425 4.51 41.15 5.41
N LEU B 426 5.03 40.60 4.34
CA LEU B 426 4.27 40.30 3.13
C LEU B 426 3.30 39.15 3.30
N SER B 427 2.02 39.40 3.07
CA SER B 427 1.02 38.32 3.00
C SER B 427 0.98 37.90 1.55
N TRP B 428 1.37 36.65 1.32
CA TRP B 428 1.56 36.02 0.00
C TRP B 428 0.66 36.60 -1.07
N LEU B 429 -0.63 36.49 -0.81
CA LEU B 429 -1.64 36.93 -1.72
C LEU B 429 -2.41 38.20 -1.39
N ASN B 430 -2.09 38.88 -0.32
CA ASN B 430 -2.80 40.09 0.10
C ASN B 430 -1.95 41.38 0.27
N GLY B 431 -0.73 41.33 -0.24
CA GLY B 431 0.17 42.45 -0.05
C GLY B 431 0.65 42.71 1.38
N TYR B 432 1.16 43.93 1.52
CA TYR B 432 1.53 44.50 2.81
C TYR B 432 0.32 45.04 3.61
N LYS B 433 -0.84 45.18 2.96
CA LYS B 433 -2.02 45.77 3.52
C LYS B 433 -2.68 44.88 4.56
N LYS B 434 -2.54 43.56 4.41
CA LYS B 434 -2.99 42.64 5.45
C LYS B 434 -1.87 42.52 6.47
N GLN B 435 -1.88 43.47 7.39
CA GLN B 435 -0.93 43.54 8.46
C GLN B 435 -1.28 42.53 9.51
N TYR B 436 -0.26 42.03 10.18
CA TYR B 436 -0.42 41.04 11.21
C TYR B 436 0.58 41.22 12.33
N GLY B 437 1.42 42.22 12.28
CA GLY B 437 2.45 42.33 13.28
C GLY B 437 2.36 43.17 14.52
N PHE B 438 3.28 42.90 15.42
CA PHE B 438 3.45 43.68 16.61
C PHE B 438 4.27 44.92 16.32
N ILE B 439 5.33 44.75 15.54
CA ILE B 439 6.20 45.80 15.08
C ILE B 439 5.68 46.34 13.73
N PHE B 440 5.36 47.64 13.67
CA PHE B 440 5.00 48.32 12.38
C PHE B 440 6.22 48.55 11.46
N VAL B 441 6.01 48.41 10.15
CA VAL B 441 7.05 48.78 9.14
C VAL B 441 6.54 49.93 8.27
N ASP B 442 7.33 51.01 8.18
CA ASP B 442 6.98 52.17 7.35
C ASP B 442 7.53 52.07 5.90
N HIS B 443 6.65 51.76 4.96
CA HIS B 443 7.03 51.68 3.53
C HIS B 443 7.28 53.06 2.89
N ASN B 444 6.63 54.06 3.45
CA ASN B 444 6.85 55.46 3.12
C ASN B 444 8.04 56.11 3.82
N ASP B 445 8.72 55.39 4.71
CA ASP B 445 9.92 55.93 5.35
C ASP B 445 11.08 54.92 5.54
N ASN B 446 11.55 54.39 4.40
CA ASN B 446 12.74 53.50 4.35
C ASN B 446 12.62 52.23 5.27
N LEU B 447 11.41 51.66 5.34
CA LEU B 447 11.09 50.44 6.14
C LEU B 447 11.47 50.55 7.62
N LYS B 448 11.33 51.74 8.15
CA LYS B 448 11.63 52.04 9.53
C LYS B 448 10.67 51.31 10.48
N ARG B 449 11.15 50.81 11.60
CA ARG B 449 10.28 50.07 12.52
C ARG B 449 9.79 50.90 13.70
N LYS B 450 8.59 50.61 14.15
CA LYS B 450 7.97 51.33 15.25
C LYS B 450 7.13 50.33 15.95
N LYS B 451 7.06 50.45 17.26
CA LYS B 451 6.21 49.57 18.08
C LYS B 451 4.76 50.00 18.01
N LYS B 452 3.88 49.07 17.82
CA LYS B 452 2.46 49.34 17.89
C LYS B 452 1.96 49.20 19.31
N LEU B 453 0.71 49.59 19.51
CA LEU B 453 0.03 49.38 20.76
C LEU B 453 0.13 47.92 21.24
N SER B 454 -0.15 46.97 20.34
CA SER B 454 -0.11 45.51 20.65
C SER B 454 1.23 45.02 21.24
N PHE B 455 2.33 45.58 20.73
CA PHE B 455 3.67 45.32 21.23
C PHE B 455 3.75 45.55 22.74
N HIS B 456 3.32 46.73 23.20
CA HIS B 456 3.29 47.05 24.65
C HIS B 456 2.30 46.16 25.41
N TRP B 457 1.16 45.83 24.82
CA TRP B 457 0.19 44.99 25.53
C TRP B 457 0.73 43.55 25.72
N TYR B 458 1.30 42.97 24.66
CA TYR B 458 1.83 41.60 24.69
C TYR B 458 2.98 41.46 25.70
N LYS B 459 3.85 42.46 25.76
CA LYS B 459 4.90 42.53 26.81
C LYS B 459 4.35 42.31 28.22
N ARG B 460 3.27 42.99 28.51
CA ARG B 460 2.60 42.87 29.77
C ARG B 460 2.01 41.52 29.99
N VAL B 461 1.44 40.92 28.97
CA VAL B 461 0.90 39.55 29.07
C VAL B 461 1.96 38.53 29.44
N VAL B 462 3.11 38.63 28.77
CA VAL B 462 4.25 37.77 29.03
C VAL B 462 4.84 38.01 30.42
N GLU B 463 5.16 39.26 30.73
CA GLU B 463 5.63 39.64 32.06
C GLU B 463 4.70 39.12 33.17
N THR B 464 3.39 39.26 32.98
CA THR B 464 2.41 38.68 33.90
C THR B 464 2.04 37.19 33.69
N ARG B 465 2.72 36.51 32.75
CA ARG B 465 2.37 35.17 32.29
C ARG B 465 0.86 34.92 32.17
N GLY B 466 0.16 35.90 31.61
CA GLY B 466 -1.21 35.74 31.23
C GLY B 466 -2.25 35.85 32.32
N GLU B 467 -2.00 36.59 33.37
CA GLU B 467 -3.05 36.85 34.37
C GLU B 467 -4.01 38.00 33.93
N GLU B 468 -4.78 37.77 32.88
CA GLU B 468 -5.73 38.74 32.36
C GLU B 468 -7.16 38.26 32.41
N LEU B 469 -7.40 37.28 33.28
CA LEU B 469 -8.70 36.66 33.52
C LEU B 469 -9.25 35.91 32.34
#